data_8KH1
#
_entry.id   8KH1
#
_entity_poly.entity_id   1
_entity_poly.type   'polypeptide(L)'
_entity_poly.pdbx_seq_one_letter_code
;MIKAAVTKESLYRMNTLMEAFQGFLGLDLGEFTFKVKPGVFLLTDVKSYLIGDKYDDAFNALIDFVLRNDRDAVEGTETD
VSIRLGLSPSDMVVKRQDKTFTFTHGDLEFEVHWINL
;
_entity_poly.pdbx_strand_id   A
#
# COMPACT_ATOMS: atom_id res chain seq x y z
N MET A 1 -1.26 -0.53 -15.37
CA MET A 1 -0.57 -1.82 -15.18
C MET A 1 -0.25 -2.04 -13.70
N ILE A 2 0.53 -1.13 -13.13
CA ILE A 2 0.92 -1.20 -11.74
C ILE A 2 -0.01 -0.34 -10.90
N LYS A 3 -0.36 -0.83 -9.74
CA LYS A 3 -1.26 -0.17 -8.83
C LYS A 3 -0.90 -0.54 -7.40
N ALA A 4 -0.63 0.46 -6.58
CA ALA A 4 -0.13 0.24 -5.24
C ALA A 4 -1.23 0.36 -4.21
N ALA A 5 -0.94 -0.12 -3.00
CA ALA A 5 -1.84 0.01 -1.88
C ALA A 5 -1.03 0.17 -0.59
N VAL A 6 -1.38 1.12 0.27
CA VAL A 6 -0.50 1.47 1.39
C VAL A 6 -1.25 1.67 2.70
N THR A 7 -0.50 1.91 3.75
CA THR A 7 -1.07 2.21 5.06
C THR A 7 -0.13 3.11 5.86
N LYS A 8 -0.70 4.09 6.56
CA LYS A 8 0.10 5.00 7.37
C LYS A 8 -0.20 4.81 8.82
N GLU A 9 0.85 4.61 9.61
CA GLU A 9 0.71 4.53 11.05
C GLU A 9 -0.33 3.46 11.43
N SER A 10 -0.32 2.35 10.69
CA SER A 10 -1.30 1.28 10.88
C SER A 10 -1.39 0.86 12.34
N LEU A 11 -2.61 0.75 12.83
CA LEU A 11 -2.87 0.36 14.21
C LEU A 11 -2.50 -1.10 14.44
N TYR A 12 -2.32 -1.84 13.35
CA TYR A 12 -2.05 -3.26 13.44
C TYR A 12 -0.56 -3.56 13.50
N ARG A 13 0.26 -2.54 13.20
CA ARG A 13 1.71 -2.72 13.04
C ARG A 13 1.91 -3.50 11.74
N MET A 14 3.14 -3.57 11.20
CA MET A 14 3.35 -4.33 9.97
C MET A 14 2.84 -5.76 10.16
N ASN A 15 3.50 -6.57 10.99
CA ASN A 15 3.05 -7.94 11.27
C ASN A 15 2.71 -8.69 9.97
N THR A 16 3.33 -8.26 8.89
CA THR A 16 3.07 -8.76 7.56
C THR A 16 1.79 -8.14 7.02
N LEU A 17 1.80 -6.81 7.02
CA LEU A 17 0.75 -6.01 6.43
C LEU A 17 0.74 -6.27 4.92
N MET A 18 1.86 -6.80 4.43
CA MET A 18 1.98 -7.27 3.06
C MET A 18 0.90 -8.31 2.76
N GLU A 19 0.63 -9.15 3.75
CA GLU A 19 -0.32 -10.23 3.60
C GLU A 19 -1.72 -9.80 4.02
N ALA A 20 -1.83 -8.62 4.60
CA ALA A 20 -3.13 -8.03 4.89
C ALA A 20 -3.82 -7.65 3.60
N PHE A 21 -3.19 -6.76 2.85
CA PHE A 21 -3.75 -6.32 1.59
C PHE A 21 -3.52 -7.39 0.53
N GLN A 22 -2.33 -8.01 0.59
CA GLN A 22 -1.93 -9.08 -0.32
C GLN A 22 -2.40 -8.85 -1.74
N GLY A 23 -2.05 -7.71 -2.30
CA GLY A 23 -2.35 -7.49 -3.70
C GLY A 23 -3.82 -7.31 -3.96
N PHE A 24 -4.51 -6.69 -3.03
CA PHE A 24 -5.92 -6.36 -3.17
C PHE A 24 -6.06 -5.28 -4.23
N LEU A 25 -5.80 -5.71 -5.45
CA LEU A 25 -5.59 -4.84 -6.59
C LEU A 25 -5.24 -5.69 -7.80
N GLY A 26 -4.59 -6.82 -7.55
CA GLY A 26 -4.35 -7.77 -8.64
C GLY A 26 -3.09 -8.62 -8.48
N LEU A 27 -2.87 -9.15 -7.29
CA LEU A 27 -1.73 -10.06 -7.07
C LEU A 27 -2.19 -11.32 -6.36
N ASP A 28 -1.67 -12.47 -6.81
CA ASP A 28 -2.06 -13.76 -6.25
C ASP A 28 -1.07 -14.20 -5.17
N LEU A 29 0.18 -14.36 -5.57
CA LEU A 29 1.23 -14.72 -4.61
C LEU A 29 2.62 -14.47 -5.19
N GLY A 30 3.45 -13.82 -4.39
CA GLY A 30 4.80 -13.45 -4.80
C GLY A 30 4.81 -12.29 -5.75
N GLU A 31 3.65 -12.02 -6.31
CA GLU A 31 3.47 -10.91 -7.20
C GLU A 31 3.47 -9.60 -6.44
N PHE A 32 3.42 -9.70 -5.12
CA PHE A 32 3.34 -8.49 -4.31
C PHE A 32 4.67 -8.14 -3.67
N THR A 33 4.85 -6.85 -3.46
CA THR A 33 6.06 -6.29 -2.90
C THR A 33 5.70 -5.26 -1.85
N PHE A 34 6.39 -5.26 -0.73
CA PHE A 34 6.00 -4.38 0.37
C PHE A 34 7.23 -3.88 1.10
N LYS A 35 7.25 -2.58 1.36
CA LYS A 35 8.33 -1.94 2.07
C LYS A 35 7.82 -1.48 3.44
N VAL A 36 8.51 -1.88 4.49
CA VAL A 36 8.08 -1.54 5.84
C VAL A 36 8.88 -0.37 6.39
N LYS A 37 8.18 0.68 6.79
CA LYS A 37 8.79 1.88 7.34
C LYS A 37 7.94 2.41 8.49
N PRO A 38 8.57 3.04 9.49
CA PRO A 38 7.86 3.57 10.65
C PRO A 38 6.82 4.62 10.28
N GLY A 39 5.57 4.33 10.57
CA GLY A 39 4.49 5.27 10.33
C GLY A 39 4.05 5.29 8.87
N VAL A 40 4.75 4.57 8.01
CA VAL A 40 4.40 4.54 6.60
C VAL A 40 4.80 3.21 5.97
N PHE A 41 3.82 2.51 5.42
CA PHE A 41 4.03 1.19 4.88
C PHE A 41 3.59 1.13 3.42
N LEU A 42 4.44 0.57 2.55
CA LEU A 42 4.14 0.52 1.12
C LEU A 42 3.94 -0.92 0.64
N LEU A 43 2.77 -1.17 0.08
CA LEU A 43 2.48 -2.44 -0.59
C LEU A 43 2.26 -2.19 -2.08
N THR A 44 3.15 -2.68 -2.92
CA THR A 44 3.03 -2.47 -4.35
C THR A 44 2.93 -3.78 -5.11
N ASP A 45 2.51 -3.68 -6.35
CA ASP A 45 2.22 -4.85 -7.18
C ASP A 45 3.32 -5.05 -8.22
N VAL A 46 4.51 -4.55 -7.91
CA VAL A 46 5.62 -4.57 -8.84
C VAL A 46 6.30 -5.95 -8.89
N LYS A 47 5.64 -6.86 -9.58
CA LYS A 47 6.15 -8.23 -9.73
C LYS A 47 7.29 -8.23 -10.72
N SER A 48 6.92 -8.11 -11.97
CA SER A 48 7.83 -8.08 -13.08
C SER A 48 8.10 -6.64 -13.48
N TYR A 49 8.13 -5.77 -12.49
CA TYR A 49 8.24 -4.33 -12.74
C TYR A 49 9.11 -3.65 -11.70
N LEU A 50 10.02 -2.82 -12.18
CA LEU A 50 10.78 -1.92 -11.34
C LEU A 50 10.95 -0.61 -12.07
N ILE A 51 11.03 0.47 -11.31
CA ILE A 51 11.20 1.81 -11.85
C ILE A 51 12.59 1.98 -12.45
N GLY A 52 13.50 1.12 -12.05
CA GLY A 52 14.84 1.22 -12.59
C GLY A 52 15.91 0.80 -11.61
N ASP A 53 15.71 1.07 -10.33
CA ASP A 53 16.76 0.77 -9.35
C ASP A 53 16.24 -0.05 -8.18
N LYS A 54 15.43 -1.06 -8.49
CA LYS A 54 14.96 -2.02 -7.49
C LYS A 54 14.32 -1.31 -6.30
N TYR A 55 13.19 -0.67 -6.57
CA TYR A 55 12.42 0.06 -5.56
C TYR A 55 13.05 1.42 -5.31
N ASP A 56 12.94 2.27 -6.31
CA ASP A 56 13.50 3.61 -6.25
C ASP A 56 12.61 4.54 -7.05
N ASP A 57 12.24 5.68 -6.46
CA ASP A 57 11.35 6.68 -7.09
C ASP A 57 9.86 6.40 -6.90
N ALA A 58 9.50 5.37 -6.14
CA ALA A 58 8.09 5.17 -5.77
C ALA A 58 7.94 4.12 -4.70
N PHE A 59 8.68 3.09 -4.87
CA PHE A 59 8.54 1.90 -4.07
C PHE A 59 9.42 2.01 -2.83
N ASN A 60 9.20 3.13 -2.11
CA ASN A 60 10.11 3.73 -1.11
C ASN A 60 10.22 5.25 -1.36
N ALA A 61 9.43 5.72 -2.34
CA ALA A 61 9.21 7.16 -2.51
C ALA A 61 7.75 7.47 -2.26
N LEU A 62 6.90 6.47 -2.47
CA LEU A 62 5.50 6.55 -2.11
C LEU A 62 5.43 6.58 -0.59
N ILE A 63 6.45 5.98 0.02
CA ILE A 63 6.67 6.09 1.46
C ILE A 63 6.66 7.56 1.87
N ASP A 64 7.29 8.37 1.04
CA ASP A 64 7.37 9.81 1.22
C ASP A 64 6.03 10.45 0.95
N PHE A 65 5.38 9.97 -0.08
CA PHE A 65 4.01 10.39 -0.39
C PHE A 65 3.14 10.30 0.87
N VAL A 66 2.98 9.09 1.40
CA VAL A 66 2.21 8.89 2.61
C VAL A 66 2.79 9.69 3.78
N LEU A 67 4.08 9.92 3.74
CA LEU A 67 4.79 10.54 4.84
C LEU A 67 4.63 12.05 4.89
N ARG A 68 4.38 12.67 3.75
CA ARG A 68 4.13 14.11 3.74
C ARG A 68 2.64 14.37 3.87
N ASN A 69 1.86 13.39 3.44
CA ASN A 69 0.42 13.45 3.57
C ASN A 69 -0.01 12.73 4.84
N ASP A 70 -1.29 12.43 4.92
CA ASP A 70 -1.84 11.63 6.00
C ASP A 70 -3.18 11.10 5.53
N ARG A 71 -3.73 10.12 6.21
CA ARG A 71 -4.99 9.57 5.80
C ARG A 71 -6.05 10.66 5.95
N ASP A 72 -6.93 10.76 4.94
CA ASP A 72 -8.01 11.75 4.93
C ASP A 72 -7.52 13.13 4.54
N ALA A 73 -6.32 13.45 4.98
CA ALA A 73 -5.66 14.71 4.67
C ALA A 73 -5.10 14.69 3.26
N VAL A 74 -5.60 13.77 2.45
CA VAL A 74 -5.18 13.60 1.06
C VAL A 74 -6.27 13.97 0.07
N GLU A 75 -5.86 14.28 -1.15
CA GLU A 75 -6.80 14.55 -2.24
C GLU A 75 -7.18 13.22 -2.91
N GLY A 76 -7.99 12.43 -2.23
CA GLY A 76 -8.28 11.09 -2.71
C GLY A 76 -9.74 10.80 -2.88
N THR A 77 -10.05 9.51 -3.03
CA THR A 77 -11.41 9.03 -3.25
C THR A 77 -11.66 7.82 -2.36
N GLU A 78 -12.40 8.02 -1.30
CA GLU A 78 -12.49 7.03 -0.24
C GLU A 78 -13.67 6.07 -0.41
N THR A 79 -13.37 4.79 -0.22
CA THR A 79 -14.37 3.73 -0.25
C THR A 79 -14.34 2.93 1.06
N ASP A 80 -15.49 2.47 1.53
CA ASP A 80 -15.56 1.67 2.75
C ASP A 80 -15.33 0.20 2.43
N VAL A 81 -14.21 -0.34 2.91
CA VAL A 81 -13.82 -1.71 2.59
C VAL A 81 -13.35 -2.48 3.81
N SER A 82 -13.04 -3.74 3.60
CA SER A 82 -12.56 -4.58 4.66
C SER A 82 -11.45 -5.50 4.17
N ILE A 83 -10.38 -5.62 4.95
CA ILE A 83 -9.23 -6.41 4.56
C ILE A 83 -8.90 -7.48 5.59
N ARG A 84 -8.45 -8.63 5.11
CA ARG A 84 -8.05 -9.73 5.97
C ARG A 84 -6.61 -9.48 6.46
N LEU A 85 -6.41 -9.58 7.75
CA LEU A 85 -5.13 -9.19 8.34
C LEU A 85 -4.09 -10.31 8.26
N GLY A 86 -3.71 -10.65 7.02
CA GLY A 86 -2.67 -11.64 6.78
C GLY A 86 -3.03 -13.04 7.24
N LEU A 87 -3.09 -13.16 8.54
CA LEU A 87 -3.28 -14.40 9.25
C LEU A 87 -4.71 -14.92 9.14
N SER A 88 -4.94 -16.03 9.84
CA SER A 88 -6.14 -16.86 9.70
C SER A 88 -7.43 -16.11 10.11
N PRO A 89 -8.63 -16.73 9.97
CA PRO A 89 -9.92 -16.10 10.34
C PRO A 89 -9.94 -15.42 11.72
N SER A 90 -9.13 -15.93 12.66
CA SER A 90 -9.00 -15.31 13.98
C SER A 90 -8.49 -13.88 13.85
N ASP A 91 -7.77 -13.66 12.77
CA ASP A 91 -7.19 -12.39 12.40
C ASP A 91 -8.11 -11.71 11.40
N MET A 92 -9.40 -11.83 11.71
CA MET A 92 -10.52 -11.43 10.85
C MET A 92 -10.35 -10.07 10.20
N VAL A 93 -10.93 -9.95 9.01
CA VAL A 93 -10.99 -8.71 8.27
C VAL A 93 -11.39 -7.53 9.16
N VAL A 94 -10.69 -6.43 9.00
CA VAL A 94 -10.98 -5.22 9.73
C VAL A 94 -11.71 -4.25 8.81
N LYS A 95 -12.52 -3.36 9.39
CA LYS A 95 -13.17 -2.35 8.59
C LYS A 95 -12.24 -1.17 8.39
N ARG A 96 -12.01 -0.85 7.13
CA ARG A 96 -11.02 0.15 6.76
C ARG A 96 -11.51 0.95 5.56
N GLN A 97 -10.87 2.06 5.32
CA GLN A 97 -11.24 2.92 4.21
C GLN A 97 -10.22 2.78 3.10
N ASP A 98 -10.69 2.72 1.87
CA ASP A 98 -9.80 2.72 0.73
C ASP A 98 -9.77 4.09 0.11
N LYS A 99 -8.73 4.83 0.41
CA LYS A 99 -8.60 6.17 -0.16
C LYS A 99 -7.90 6.06 -1.52
N THR A 100 -8.64 6.10 -2.61
CA THR A 100 -8.05 5.97 -3.93
C THR A 100 -7.46 7.29 -4.43
N PHE A 101 -6.24 7.22 -4.93
CA PHE A 101 -5.56 8.38 -5.51
C PHE A 101 -4.40 7.92 -6.38
N THR A 102 -3.67 8.86 -6.93
CA THR A 102 -2.54 8.51 -7.77
C THR A 102 -1.27 9.16 -7.27
N PHE A 103 -0.24 8.35 -7.13
CA PHE A 103 1.07 8.85 -6.81
C PHE A 103 1.90 8.95 -8.07
N THR A 104 2.11 10.16 -8.54
CA THR A 104 2.93 10.38 -9.71
C THR A 104 4.32 10.86 -9.31
N HIS A 105 5.26 9.94 -9.31
CA HIS A 105 6.66 10.27 -9.10
C HIS A 105 7.39 10.08 -10.42
N GLY A 106 8.41 10.87 -10.69
CA GLY A 106 8.89 11.02 -12.05
C GLY A 106 9.63 9.80 -12.57
N ASP A 107 8.88 9.00 -13.32
CA ASP A 107 9.37 7.82 -14.08
C ASP A 107 8.22 6.83 -14.22
N LEU A 108 7.30 6.88 -13.26
CA LEU A 108 6.25 5.88 -13.17
C LEU A 108 4.88 6.53 -12.88
N GLU A 109 3.82 5.78 -13.18
CA GLU A 109 2.47 6.17 -12.79
C GLU A 109 1.68 4.91 -12.43
N PHE A 110 0.94 4.96 -11.34
CA PHE A 110 0.22 3.80 -10.84
C PHE A 110 -0.89 4.21 -9.89
N GLU A 111 -1.96 3.42 -9.90
CA GLU A 111 -3.14 3.70 -9.08
C GLU A 111 -2.93 3.20 -7.66
N VAL A 112 -2.68 4.13 -6.75
CA VAL A 112 -2.33 3.79 -5.39
C VAL A 112 -3.49 4.04 -4.46
N HIS A 113 -3.53 3.26 -3.42
CA HIS A 113 -4.66 3.23 -2.55
C HIS A 113 -4.24 3.36 -1.11
N TRP A 114 -4.96 4.13 -0.33
CA TRP A 114 -4.70 4.20 1.08
C TRP A 114 -5.55 3.17 1.78
N ILE A 115 -4.87 2.18 2.27
CA ILE A 115 -5.47 1.00 2.84
C ILE A 115 -5.36 1.07 4.37
N ASN A 116 -5.96 2.10 4.91
CA ASN A 116 -5.84 2.40 6.32
C ASN A 116 -6.67 1.45 7.15
N LEU A 117 -6.00 0.43 7.69
CA LEU A 117 -6.64 -0.51 8.58
C LEU A 117 -7.07 0.19 9.87
N MET A 1 -0.21 -0.87 -15.72
CA MET A 1 0.41 -2.17 -15.38
C MET A 1 0.39 -2.41 -13.88
N ILE A 2 1.12 -1.58 -13.14
CA ILE A 2 1.26 -1.72 -11.71
C ILE A 2 0.27 -0.83 -10.97
N LYS A 3 -0.26 -1.37 -9.89
CA LYS A 3 -1.11 -0.60 -9.00
C LYS A 3 -0.47 -0.65 -7.62
N ALA A 4 -0.86 0.21 -6.71
CA ALA A 4 -0.26 0.23 -5.40
C ALA A 4 -1.27 0.39 -4.30
N ALA A 5 -0.88 0.00 -3.11
CA ALA A 5 -1.65 0.24 -1.92
C ALA A 5 -0.69 0.67 -0.81
N VAL A 6 -1.23 1.22 0.25
CA VAL A 6 -0.40 1.80 1.28
C VAL A 6 -1.18 1.94 2.57
N THR A 7 -0.48 1.95 3.68
CA THR A 7 -1.11 2.15 4.96
C THR A 7 -0.20 2.96 5.90
N LYS A 8 -0.77 4.02 6.47
CA LYS A 8 -0.02 4.91 7.35
C LYS A 8 -0.38 4.64 8.79
N GLU A 9 0.64 4.56 9.64
CA GLU A 9 0.45 4.43 11.07
C GLU A 9 -0.50 3.28 11.40
N SER A 10 -0.35 2.16 10.69
CA SER A 10 -1.24 1.00 10.88
C SER A 10 -1.29 0.61 12.34
N LEU A 11 -2.51 0.59 12.89
CA LEU A 11 -2.71 0.26 14.29
C LEU A 11 -2.48 -1.22 14.51
N TYR A 12 -2.29 -1.94 13.42
CA TYR A 12 -2.08 -3.37 13.48
C TYR A 12 -0.61 -3.72 13.38
N ARG A 13 0.23 -2.70 13.13
CA ARG A 13 1.67 -2.91 12.93
C ARG A 13 1.89 -3.71 11.65
N MET A 14 3.09 -3.76 11.11
CA MET A 14 3.30 -4.54 9.88
C MET A 14 2.85 -5.99 10.07
N ASN A 15 3.55 -6.78 10.89
CA ASN A 15 3.13 -8.16 11.17
C ASN A 15 2.82 -8.95 9.88
N THR A 16 3.34 -8.44 8.76
CA THR A 16 3.06 -8.97 7.44
C THR A 16 1.77 -8.36 6.90
N LEU A 17 1.76 -7.04 6.93
CA LEU A 17 0.66 -6.24 6.40
C LEU A 17 0.62 -6.40 4.89
N MET A 18 1.70 -6.93 4.33
CA MET A 18 1.75 -7.23 2.92
C MET A 18 0.72 -8.31 2.61
N GLU A 19 0.61 -9.25 3.53
CA GLU A 19 -0.35 -10.34 3.41
C GLU A 19 -1.74 -9.88 3.85
N ALA A 20 -1.79 -8.72 4.50
CA ALA A 20 -3.07 -8.11 4.86
C ALA A 20 -3.85 -7.80 3.60
N PHE A 21 -3.22 -7.12 2.65
CA PHE A 21 -3.89 -6.80 1.41
C PHE A 21 -3.67 -7.91 0.41
N GLN A 22 -2.43 -8.42 0.38
CA GLN A 22 -1.99 -9.47 -0.55
C GLN A 22 -2.75 -9.40 -1.88
N GLY A 23 -2.68 -8.24 -2.52
CA GLY A 23 -3.31 -8.11 -3.81
C GLY A 23 -4.65 -7.42 -3.78
N PHE A 24 -4.85 -6.51 -2.85
CA PHE A 24 -6.03 -5.65 -2.89
C PHE A 24 -5.80 -4.58 -3.95
N LEU A 25 -5.79 -5.05 -5.19
CA LEU A 25 -5.40 -4.29 -6.37
C LEU A 25 -5.04 -5.27 -7.49
N GLY A 26 -4.57 -6.45 -7.09
CA GLY A 26 -4.36 -7.54 -8.04
C GLY A 26 -2.99 -8.21 -7.91
N LEU A 27 -2.80 -9.01 -6.88
CA LEU A 27 -1.58 -9.78 -6.69
C LEU A 27 -1.92 -11.20 -6.24
N ASP A 28 -1.51 -12.18 -7.04
CA ASP A 28 -1.79 -13.59 -6.73
C ASP A 28 -0.87 -14.11 -5.64
N LEU A 29 0.41 -14.21 -5.98
CA LEU A 29 1.43 -14.61 -5.03
C LEU A 29 2.80 -14.32 -5.62
N GLY A 30 3.64 -13.62 -4.88
CA GLY A 30 4.91 -13.15 -5.44
C GLY A 30 4.73 -11.87 -6.22
N GLU A 31 3.53 -11.70 -6.73
CA GLU A 31 3.13 -10.49 -7.39
C GLU A 31 3.27 -9.27 -6.49
N PHE A 32 3.25 -9.52 -5.21
CA PHE A 32 3.20 -8.44 -4.23
C PHE A 32 4.58 -8.10 -3.68
N THR A 33 4.73 -6.81 -3.40
CA THR A 33 5.96 -6.25 -2.86
C THR A 33 5.61 -5.22 -1.79
N PHE A 34 6.31 -5.20 -0.67
CA PHE A 34 5.93 -4.32 0.43
C PHE A 34 7.15 -3.85 1.20
N LYS A 35 7.14 -2.57 1.54
CA LYS A 35 8.23 -1.95 2.27
C LYS A 35 7.73 -1.49 3.63
N VAL A 36 8.46 -1.85 4.68
CA VAL A 36 8.07 -1.49 6.03
C VAL A 36 8.84 -0.27 6.51
N LYS A 37 8.10 0.76 6.88
CA LYS A 37 8.68 1.95 7.50
C LYS A 37 7.79 2.40 8.64
N PRO A 38 8.39 2.94 9.70
CA PRO A 38 7.63 3.43 10.85
C PRO A 38 6.63 4.51 10.44
N GLY A 39 5.36 4.22 10.67
CA GLY A 39 4.30 5.16 10.36
C GLY A 39 3.88 5.15 8.91
N VAL A 40 4.65 4.51 8.05
CA VAL A 40 4.30 4.44 6.63
C VAL A 40 4.66 3.10 6.01
N PHE A 41 3.69 2.43 5.44
CA PHE A 41 3.86 1.08 4.96
C PHE A 41 3.35 0.95 3.53
N LEU A 42 4.17 0.38 2.66
CA LEU A 42 3.86 0.32 1.23
C LEU A 42 3.61 -1.11 0.75
N LEU A 43 2.51 -1.32 0.04
CA LEU A 43 2.24 -2.61 -0.61
C LEU A 43 1.98 -2.36 -2.09
N THR A 44 2.88 -2.80 -2.93
CA THR A 44 2.82 -2.51 -4.34
C THR A 44 2.80 -3.78 -5.18
N ASP A 45 2.53 -3.62 -6.46
CA ASP A 45 2.36 -4.73 -7.38
C ASP A 45 3.61 -4.89 -8.25
N VAL A 46 4.66 -4.16 -7.92
CA VAL A 46 5.90 -4.21 -8.68
C VAL A 46 6.70 -5.47 -8.38
N LYS A 47 6.18 -6.59 -8.85
CA LYS A 47 6.74 -7.90 -8.54
C LYS A 47 8.20 -7.99 -8.94
N SER A 48 8.43 -7.71 -10.20
CA SER A 48 9.74 -7.78 -10.78
C SER A 48 10.07 -6.45 -11.45
N TYR A 49 9.22 -5.48 -11.17
CA TYR A 49 9.28 -4.17 -11.79
C TYR A 49 9.94 -3.15 -10.86
N LEU A 50 10.98 -2.50 -11.34
CA LEU A 50 11.61 -1.41 -10.58
C LEU A 50 11.64 -0.17 -11.45
N ILE A 51 11.50 1.01 -10.86
CA ILE A 51 11.62 2.25 -11.61
C ILE A 51 13.01 2.37 -12.22
N GLY A 52 14.04 2.21 -11.40
CA GLY A 52 15.39 2.25 -11.90
C GLY A 52 16.36 1.62 -10.93
N ASP A 53 16.12 1.83 -9.64
CA ASP A 53 17.04 1.35 -8.61
C ASP A 53 16.32 0.57 -7.52
N LYS A 54 15.79 -0.59 -7.89
CA LYS A 54 15.17 -1.52 -6.93
C LYS A 54 14.22 -0.82 -5.96
N TYR A 55 13.10 -0.35 -6.53
CA TYR A 55 11.99 0.25 -5.78
C TYR A 55 12.10 1.76 -5.76
N ASP A 56 13.29 2.28 -6.05
CA ASP A 56 13.55 3.70 -5.99
C ASP A 56 12.55 4.50 -6.82
N ASP A 57 12.27 5.73 -6.38
CA ASP A 57 11.40 6.68 -7.10
C ASP A 57 9.92 6.34 -6.97
N ALA A 58 9.55 5.27 -6.29
CA ALA A 58 8.13 5.01 -6.08
C ALA A 58 7.87 4.06 -4.93
N PHE A 59 8.62 3.02 -4.92
CA PHE A 59 8.35 1.85 -4.12
C PHE A 59 9.09 1.93 -2.80
N ASN A 60 8.85 3.07 -2.13
CA ASN A 60 9.67 3.66 -1.05
C ASN A 60 9.85 5.16 -1.31
N ALA A 61 9.22 5.65 -2.39
CA ALA A 61 9.01 7.08 -2.59
C ALA A 61 7.57 7.38 -2.23
N LEU A 62 6.73 6.41 -2.55
CA LEU A 62 5.36 6.35 -2.08
C LEU A 62 5.35 6.46 -0.54
N ILE A 63 6.43 5.99 0.06
CA ILE A 63 6.63 6.08 1.49
C ILE A 63 6.63 7.55 1.94
N ASP A 64 7.35 8.37 1.18
CA ASP A 64 7.42 9.80 1.42
C ASP A 64 6.09 10.44 1.11
N PHE A 65 5.49 9.97 0.03
CA PHE A 65 4.15 10.38 -0.35
C PHE A 65 3.21 10.32 0.86
N VAL A 66 3.05 9.14 1.44
CA VAL A 66 2.18 8.99 2.59
C VAL A 66 2.72 9.76 3.81
N LEU A 67 4.03 9.94 3.85
CA LEU A 67 4.68 10.56 4.99
C LEU A 67 4.54 12.07 4.98
N ARG A 68 4.37 12.64 3.80
CA ARG A 68 4.20 14.08 3.67
C ARG A 68 2.72 14.42 3.70
N ASN A 69 1.90 13.41 3.48
CA ASN A 69 0.46 13.51 3.63
C ASN A 69 0.01 12.78 4.88
N ASP A 70 -1.29 12.50 4.94
CA ASP A 70 -1.88 11.72 6.02
C ASP A 70 -3.25 11.24 5.55
N ARG A 71 -3.80 10.20 6.17
CA ARG A 71 -5.12 9.71 5.78
C ARG A 71 -6.16 10.81 5.99
N ASP A 72 -7.09 10.93 5.05
CA ASP A 72 -8.13 11.98 5.06
C ASP A 72 -7.54 13.35 4.75
N ALA A 73 -6.26 13.50 5.01
CA ALA A 73 -5.59 14.75 4.75
C ALA A 73 -5.11 14.79 3.30
N VAL A 74 -5.69 13.91 2.49
CA VAL A 74 -5.31 13.78 1.11
C VAL A 74 -6.46 14.06 0.17
N GLU A 75 -6.13 14.40 -1.05
CA GLU A 75 -7.11 14.59 -2.10
C GLU A 75 -7.28 13.32 -2.91
N GLY A 76 -7.96 12.34 -2.32
CA GLY A 76 -8.13 11.08 -2.98
C GLY A 76 -9.60 10.72 -3.16
N THR A 77 -9.86 9.44 -3.21
CA THR A 77 -11.20 8.91 -3.38
C THR A 77 -11.40 7.73 -2.46
N GLU A 78 -12.14 7.94 -1.40
CA GLU A 78 -12.23 6.97 -0.34
C GLU A 78 -13.37 5.98 -0.54
N THR A 79 -13.05 4.71 -0.36
CA THR A 79 -14.00 3.63 -0.39
C THR A 79 -13.86 2.78 0.87
N ASP A 80 -14.94 2.55 1.59
CA ASP A 80 -14.84 1.75 2.80
C ASP A 80 -14.71 0.28 2.44
N VAL A 81 -13.59 -0.32 2.81
CA VAL A 81 -13.34 -1.73 2.53
C VAL A 81 -12.95 -2.45 3.79
N SER A 82 -12.71 -3.74 3.67
CA SER A 82 -12.29 -4.50 4.80
C SER A 82 -11.19 -5.47 4.41
N ILE A 83 -10.14 -5.50 5.20
CA ILE A 83 -8.94 -6.25 4.88
C ILE A 83 -8.68 -7.31 5.94
N ARG A 84 -8.34 -8.50 5.50
CA ARG A 84 -7.97 -9.58 6.39
C ARG A 84 -6.52 -9.44 6.77
N LEU A 85 -6.22 -9.60 8.04
CA LEU A 85 -4.87 -9.41 8.54
C LEU A 85 -3.99 -10.64 8.27
N GLY A 86 -3.71 -10.87 6.98
CA GLY A 86 -2.81 -11.94 6.57
C GLY A 86 -3.21 -13.29 7.12
N LEU A 87 -2.23 -14.13 7.42
CA LEU A 87 -2.50 -15.38 8.09
C LEU A 87 -2.35 -15.17 9.58
N SER A 88 -3.47 -14.99 10.23
CA SER A 88 -3.52 -14.77 11.65
C SER A 88 -4.54 -15.70 12.30
N PRO A 89 -4.45 -15.93 13.62
CA PRO A 89 -5.51 -16.57 14.37
C PRO A 89 -6.67 -15.59 14.61
N SER A 90 -6.33 -14.31 14.56
CA SER A 90 -7.30 -13.22 14.71
C SER A 90 -7.45 -12.48 13.38
N ASP A 91 -7.34 -13.22 12.29
CA ASP A 91 -7.29 -12.64 10.93
C ASP A 91 -8.65 -12.10 10.48
N MET A 92 -9.39 -11.50 11.41
CA MET A 92 -10.68 -10.91 11.11
C MET A 92 -10.51 -9.69 10.21
N VAL A 93 -11.25 -9.70 9.11
CA VAL A 93 -11.30 -8.57 8.21
C VAL A 93 -11.79 -7.33 8.93
N VAL A 94 -10.92 -6.34 9.01
CA VAL A 94 -11.25 -5.09 9.66
C VAL A 94 -11.45 -4.01 8.61
N LYS A 95 -12.25 -3.04 8.97
CA LYS A 95 -12.60 -1.95 8.06
C LYS A 95 -11.40 -1.05 7.77
N ARG A 96 -11.21 -0.79 6.49
CA ARG A 96 -10.17 0.11 6.00
C ARG A 96 -10.86 1.17 5.16
N GLN A 97 -10.34 2.38 5.17
CA GLN A 97 -10.86 3.40 4.28
C GLN A 97 -9.95 3.52 3.10
N ASP A 98 -10.35 2.93 2.00
CA ASP A 98 -9.50 2.85 0.82
C ASP A 98 -9.49 4.19 0.14
N LYS A 99 -8.47 4.95 0.40
CA LYS A 99 -8.34 6.27 -0.20
C LYS A 99 -7.61 6.11 -1.52
N THR A 100 -8.35 6.06 -2.60
CA THR A 100 -7.75 5.86 -3.91
C THR A 100 -7.23 7.17 -4.49
N PHE A 101 -6.01 7.14 -5.00
CA PHE A 101 -5.41 8.30 -5.63
C PHE A 101 -4.26 7.84 -6.51
N THR A 102 -3.62 8.79 -7.15
CA THR A 102 -2.48 8.48 -8.00
C THR A 102 -1.23 9.12 -7.45
N PHE A 103 -0.26 8.31 -7.10
CA PHE A 103 1.05 8.81 -6.72
C PHE A 103 1.90 8.92 -7.97
N THR A 104 2.05 10.12 -8.47
CA THR A 104 2.81 10.29 -9.69
C THR A 104 4.22 10.73 -9.36
N HIS A 105 5.13 9.78 -9.38
CA HIS A 105 6.54 10.09 -9.27
C HIS A 105 7.14 9.86 -10.65
N GLY A 106 8.17 10.59 -11.00
CA GLY A 106 8.56 10.66 -12.39
C GLY A 106 9.18 9.39 -12.92
N ASP A 107 8.69 9.02 -14.11
CA ASP A 107 9.04 7.79 -14.84
C ASP A 107 8.00 6.73 -14.56
N LEU A 108 7.12 7.02 -13.61
CA LEU A 108 6.08 6.06 -13.26
C LEU A 108 4.71 6.69 -13.08
N GLU A 109 3.68 5.91 -13.38
CA GLU A 109 2.30 6.30 -13.10
C GLU A 109 1.48 5.07 -12.76
N PHE A 110 0.76 5.12 -11.64
CA PHE A 110 0.02 3.96 -11.17
C PHE A 110 -1.06 4.37 -10.16
N GLU A 111 -2.06 3.52 -10.03
CA GLU A 111 -3.20 3.81 -9.16
C GLU A 111 -2.96 3.24 -7.78
N VAL A 112 -2.92 4.12 -6.81
CA VAL A 112 -2.51 3.76 -5.45
C VAL A 112 -3.59 4.02 -4.45
N HIS A 113 -3.52 3.26 -3.39
CA HIS A 113 -4.65 3.07 -2.52
C HIS A 113 -4.24 3.18 -1.05
N TRP A 114 -4.89 4.04 -0.30
CA TRP A 114 -4.65 4.12 1.13
C TRP A 114 -5.56 3.14 1.85
N ILE A 115 -5.00 2.03 2.26
CA ILE A 115 -5.72 1.01 2.95
C ILE A 115 -5.36 1.05 4.42
N ASN A 116 -5.69 2.18 5.03
CA ASN A 116 -5.36 2.46 6.42
C ASN A 116 -5.90 1.38 7.35
N LEU A 117 -5.01 0.49 7.77
CA LEU A 117 -5.31 -0.48 8.82
C LEU A 117 -5.78 0.22 10.07
N MET A 1 -0.14 -2.77 -16.36
CA MET A 1 -0.33 -1.64 -15.44
C MET A 1 0.06 -2.03 -14.02
N ILE A 2 0.87 -1.19 -13.39
CA ILE A 2 1.19 -1.36 -11.99
C ILE A 2 0.30 -0.47 -11.14
N LYS A 3 -0.15 -1.00 -10.03
CA LYS A 3 -0.93 -0.25 -9.07
C LYS A 3 -0.42 -0.58 -7.67
N ALA A 4 -0.71 0.28 -6.71
CA ALA A 4 -0.17 0.12 -5.38
C ALA A 4 -1.22 0.34 -4.33
N ALA A 5 -0.91 -0.12 -3.15
CA ALA A 5 -1.69 0.12 -1.97
C ALA A 5 -0.76 0.60 -0.87
N VAL A 6 -1.32 1.23 0.15
CA VAL A 6 -0.48 1.79 1.19
C VAL A 6 -1.26 1.94 2.48
N THR A 7 -0.57 1.99 3.59
CA THR A 7 -1.19 2.19 4.87
C THR A 7 -0.30 3.02 5.78
N LYS A 8 -0.89 4.01 6.45
CA LYS A 8 -0.13 4.90 7.33
C LYS A 8 -0.59 4.74 8.74
N GLU A 9 0.35 4.49 9.62
CA GLU A 9 0.07 4.38 11.04
C GLU A 9 -1.01 3.33 11.29
N SER A 10 -0.89 2.20 10.59
CA SER A 10 -1.82 1.10 10.73
C SER A 10 -1.85 0.61 12.18
N LEU A 11 -3.05 0.33 12.67
CA LEU A 11 -3.25 -0.02 14.07
C LEU A 11 -2.60 -1.35 14.40
N TYR A 12 -2.33 -2.11 13.36
CA TYR A 12 -1.77 -3.42 13.52
C TYR A 12 -0.25 -3.39 13.55
N ARG A 13 0.35 -2.26 13.14
CA ARG A 13 1.79 -2.19 12.88
C ARG A 13 2.02 -3.02 11.62
N MET A 14 3.21 -3.07 11.06
CA MET A 14 3.41 -3.93 9.88
C MET A 14 3.01 -5.35 10.23
N ASN A 15 3.77 -6.01 11.08
CA ASN A 15 3.46 -7.36 11.55
C ASN A 15 2.95 -8.28 10.41
N THR A 16 3.44 -7.99 9.19
CA THR A 16 3.09 -8.71 7.98
C THR A 16 1.81 -8.12 7.36
N LEU A 17 1.78 -6.79 7.30
CA LEU A 17 0.70 -6.04 6.66
C LEU A 17 0.61 -6.36 5.18
N MET A 18 1.73 -6.81 4.63
CA MET A 18 1.79 -7.18 3.23
C MET A 18 0.80 -8.31 2.96
N GLU A 19 0.71 -9.23 3.91
CA GLU A 19 -0.17 -10.39 3.78
C GLU A 19 -1.63 -9.99 3.92
N ALA A 20 -1.86 -8.86 4.60
CA ALA A 20 -3.20 -8.35 4.80
C ALA A 20 -3.84 -8.06 3.47
N PHE A 21 -3.18 -7.24 2.66
CA PHE A 21 -3.71 -6.92 1.37
C PHE A 21 -3.40 -8.04 0.38
N GLN A 22 -2.17 -8.56 0.52
CA GLN A 22 -1.62 -9.60 -0.37
C GLN A 22 -2.23 -9.52 -1.76
N GLY A 23 -1.93 -8.44 -2.45
CA GLY A 23 -2.38 -8.32 -3.81
C GLY A 23 -3.84 -7.95 -3.91
N PHE A 24 -4.35 -7.13 -2.98
CA PHE A 24 -5.74 -6.70 -3.03
C PHE A 24 -5.92 -5.69 -4.14
N LEU A 25 -5.84 -6.21 -5.35
CA LEU A 25 -5.78 -5.43 -6.57
C LEU A 25 -5.42 -6.33 -7.73
N GLY A 26 -4.72 -7.41 -7.41
CA GLY A 26 -4.47 -8.46 -8.39
C GLY A 26 -3.10 -9.11 -8.30
N LEU A 27 -2.74 -9.64 -7.13
CA LEU A 27 -1.52 -10.42 -6.99
C LEU A 27 -1.80 -11.69 -6.17
N ASP A 28 -1.31 -12.82 -6.65
CA ASP A 28 -1.59 -14.10 -6.01
C ASP A 28 -0.46 -14.52 -5.09
N LEU A 29 0.74 -14.56 -5.65
CA LEU A 29 1.94 -14.88 -4.88
C LEU A 29 3.17 -14.45 -5.66
N GLY A 30 4.16 -13.88 -4.98
CA GLY A 30 5.38 -13.43 -5.65
C GLY A 30 5.19 -12.13 -6.41
N GLU A 31 4.04 -12.01 -7.05
CA GLU A 31 3.63 -10.80 -7.75
C GLU A 31 3.66 -9.58 -6.83
N PHE A 32 3.61 -9.81 -5.54
CA PHE A 32 3.48 -8.72 -4.59
C PHE A 32 4.81 -8.33 -3.93
N THR A 33 4.93 -7.04 -3.64
CA THR A 33 6.09 -6.47 -2.97
C THR A 33 5.62 -5.43 -1.96
N PHE A 34 6.36 -5.23 -0.88
CA PHE A 34 5.92 -4.31 0.17
C PHE A 34 7.11 -3.78 0.96
N LYS A 35 7.10 -2.49 1.20
CA LYS A 35 8.16 -1.80 1.92
C LYS A 35 7.67 -1.38 3.29
N VAL A 36 8.42 -1.73 4.32
CA VAL A 36 8.03 -1.40 5.68
C VAL A 36 8.78 -0.18 6.19
N LYS A 37 8.06 0.85 6.54
CA LYS A 37 8.65 2.01 7.19
C LYS A 37 7.74 2.47 8.34
N PRO A 38 8.32 3.01 9.43
CA PRO A 38 7.53 3.40 10.60
C PRO A 38 6.42 4.40 10.27
N GLY A 39 5.20 4.01 10.54
CA GLY A 39 4.05 4.87 10.32
C GLY A 39 3.65 4.96 8.85
N VAL A 40 4.42 4.33 7.97
CA VAL A 40 4.12 4.37 6.54
C VAL A 40 4.53 3.07 5.86
N PHE A 41 3.56 2.39 5.30
CA PHE A 41 3.77 1.06 4.78
C PHE A 41 3.27 0.96 3.36
N LEU A 42 4.10 0.44 2.47
CA LEU A 42 3.78 0.38 1.04
C LEU A 42 3.58 -1.05 0.57
N LEU A 43 2.42 -1.33 -0.01
CA LEU A 43 2.18 -2.63 -0.64
C LEU A 43 1.98 -2.41 -2.14
N THR A 44 2.89 -2.93 -2.95
CA THR A 44 2.83 -2.67 -4.37
C THR A 44 2.64 -3.94 -5.17
N ASP A 45 2.21 -3.78 -6.39
CA ASP A 45 1.93 -4.90 -7.26
C ASP A 45 3.10 -5.15 -8.21
N VAL A 46 4.15 -4.34 -8.06
CA VAL A 46 5.38 -4.53 -8.82
C VAL A 46 6.01 -5.86 -8.45
N LYS A 47 6.33 -6.63 -9.46
CA LYS A 47 6.83 -7.98 -9.24
C LYS A 47 8.31 -8.03 -9.51
N SER A 48 8.60 -7.78 -10.75
CA SER A 48 9.93 -7.86 -11.28
C SER A 48 10.17 -6.58 -12.07
N TYR A 49 9.47 -5.55 -11.61
CA TYR A 49 9.45 -4.24 -12.23
C TYR A 49 10.12 -3.21 -11.32
N LEU A 50 11.20 -2.61 -11.79
CA LEU A 50 11.83 -1.53 -11.04
C LEU A 50 11.85 -0.26 -11.88
N ILE A 51 11.50 0.84 -11.23
CA ILE A 51 11.57 2.17 -11.82
C ILE A 51 12.98 2.47 -12.30
N GLY A 52 13.98 2.08 -11.52
CA GLY A 52 15.35 2.29 -11.91
C GLY A 52 16.33 1.74 -10.90
N ASP A 53 16.11 2.05 -9.63
CA ASP A 53 17.07 1.70 -8.58
C ASP A 53 16.43 0.76 -7.58
N LYS A 54 15.82 -0.29 -8.09
CA LYS A 54 15.18 -1.30 -7.25
C LYS A 54 14.18 -0.67 -6.28
N TYR A 55 13.05 -0.19 -6.83
CA TYR A 55 11.90 0.30 -6.04
C TYR A 55 12.02 1.79 -5.76
N ASP A 56 13.21 2.31 -5.94
CA ASP A 56 13.47 3.74 -5.76
C ASP A 56 12.52 4.56 -6.62
N ASP A 57 12.05 5.67 -6.06
CA ASP A 57 11.19 6.66 -6.76
C ASP A 57 9.70 6.35 -6.64
N ALA A 58 9.31 5.31 -5.95
CA ALA A 58 7.90 5.08 -5.65
C ALA A 58 7.73 4.01 -4.62
N PHE A 59 8.35 2.92 -4.90
CA PHE A 59 8.25 1.72 -4.13
C PHE A 59 9.27 1.82 -3.00
N ASN A 60 9.21 2.99 -2.35
CA ASN A 60 10.31 3.67 -1.70
C ASN A 60 10.37 5.09 -2.29
N ALA A 61 9.22 5.74 -2.19
CA ALA A 61 9.05 7.17 -2.43
C ALA A 61 7.59 7.49 -2.15
N LEU A 62 6.75 6.49 -2.43
CA LEU A 62 5.36 6.47 -2.01
C LEU A 62 5.31 6.68 -0.48
N ILE A 63 6.38 6.27 0.18
CA ILE A 63 6.56 6.45 1.60
C ILE A 63 6.53 7.94 1.95
N ASP A 64 7.34 8.72 1.22
CA ASP A 64 7.41 10.16 1.34
C ASP A 64 6.09 10.80 0.97
N PHE A 65 5.49 10.30 -0.08
CA PHE A 65 4.12 10.66 -0.43
C PHE A 65 3.23 10.61 0.81
N VAL A 66 3.12 9.44 1.41
CA VAL A 66 2.33 9.27 2.61
C VAL A 66 2.87 10.14 3.76
N LEU A 67 4.16 10.36 3.73
CA LEU A 67 4.87 11.12 4.76
C LEU A 67 4.61 12.63 4.65
N ARG A 68 4.31 13.13 3.46
CA ARG A 68 4.07 14.55 3.30
C ARG A 68 2.57 14.81 3.39
N ASN A 69 1.80 13.75 3.15
CA ASN A 69 0.38 13.78 3.37
C ASN A 69 0.07 13.11 4.70
N ASP A 70 -1.18 12.70 4.84
CA ASP A 70 -1.60 11.91 5.98
C ASP A 70 -2.90 11.25 5.61
N ARG A 71 -3.28 10.21 6.30
CA ARG A 71 -4.54 9.54 6.02
C ARG A 71 -5.68 10.54 6.23
N ASP A 72 -6.63 10.59 5.28
CA ASP A 72 -7.78 11.51 5.34
C ASP A 72 -7.43 12.92 4.89
N ALA A 73 -6.25 13.36 5.23
CA ALA A 73 -5.77 14.69 4.88
C ALA A 73 -5.26 14.76 3.44
N VAL A 74 -5.70 13.78 2.65
CA VAL A 74 -5.32 13.69 1.24
C VAL A 74 -6.45 14.10 0.31
N GLU A 75 -6.06 14.52 -0.89
CA GLU A 75 -7.01 14.82 -1.95
C GLU A 75 -7.27 13.56 -2.75
N GLY A 76 -8.08 12.67 -2.21
CA GLY A 76 -8.34 11.41 -2.86
C GLY A 76 -9.81 11.05 -2.88
N THR A 77 -10.08 9.76 -2.85
CA THR A 77 -11.44 9.24 -2.89
C THR A 77 -11.60 8.05 -1.96
N GLU A 78 -12.34 8.25 -0.88
CA GLU A 78 -12.42 7.25 0.16
C GLU A 78 -13.60 6.29 -0.03
N THR A 79 -13.32 5.02 0.20
CA THR A 79 -14.33 3.98 0.18
C THR A 79 -14.22 3.13 1.44
N ASP A 80 -15.33 2.74 2.05
CA ASP A 80 -15.27 1.87 3.22
C ASP A 80 -15.00 0.44 2.78
N VAL A 81 -13.93 -0.12 3.33
CA VAL A 81 -13.48 -1.46 2.97
C VAL A 81 -13.00 -2.27 4.16
N SER A 82 -12.72 -3.52 3.91
CA SER A 82 -12.27 -4.43 4.95
C SER A 82 -11.19 -5.37 4.39
N ILE A 83 -10.16 -5.64 5.17
CA ILE A 83 -9.09 -6.54 4.73
C ILE A 83 -8.85 -7.68 5.72
N ARG A 84 -8.61 -8.87 5.19
CA ARG A 84 -8.22 -10.01 6.01
C ARG A 84 -6.72 -9.97 6.31
N LEU A 85 -6.37 -10.15 7.56
CA LEU A 85 -4.99 -9.96 8.01
C LEU A 85 -4.13 -11.18 7.72
N GLY A 86 -3.88 -11.44 6.42
CA GLY A 86 -3.03 -12.57 6.02
C GLY A 86 -3.59 -13.89 6.50
N LEU A 87 -2.73 -14.90 6.64
CA LEU A 87 -3.15 -16.07 7.39
C LEU A 87 -2.52 -15.99 8.76
N SER A 88 -3.32 -15.51 9.68
CA SER A 88 -2.92 -15.32 11.06
C SER A 88 -3.97 -15.91 11.99
N PRO A 89 -3.62 -16.20 13.25
CA PRO A 89 -4.63 -16.49 14.28
C PRO A 89 -5.51 -15.26 14.52
N SER A 90 -4.97 -14.09 14.16
CA SER A 90 -5.68 -12.84 14.31
C SER A 90 -6.01 -12.24 12.94
N ASP A 91 -6.26 -13.12 11.98
CA ASP A 91 -6.48 -12.73 10.57
C ASP A 91 -7.79 -11.97 10.38
N MET A 92 -8.54 -11.81 11.48
CA MET A 92 -9.86 -11.19 11.43
C MET A 92 -9.84 -9.88 10.68
N VAL A 93 -10.66 -9.81 9.65
CA VAL A 93 -10.82 -8.63 8.83
C VAL A 93 -11.00 -7.38 9.69
N VAL A 94 -10.25 -6.36 9.35
CA VAL A 94 -10.31 -5.10 10.05
C VAL A 94 -10.99 -4.06 9.17
N LYS A 95 -11.57 -3.05 9.79
CA LYS A 95 -12.25 -2.02 9.04
C LYS A 95 -11.28 -0.94 8.64
N ARG A 96 -11.29 -0.62 7.36
CA ARG A 96 -10.32 0.31 6.77
C ARG A 96 -11.00 1.21 5.76
N GLN A 97 -10.41 2.34 5.50
CA GLN A 97 -10.87 3.23 4.46
C GLN A 97 -9.95 3.13 3.28
N ASP A 98 -10.51 3.01 2.08
CA ASP A 98 -9.70 3.01 0.87
C ASP A 98 -9.66 4.41 0.33
N LYS A 99 -8.53 5.06 0.47
CA LYS A 99 -8.39 6.39 -0.06
C LYS A 99 -7.71 6.32 -1.44
N THR A 100 -8.49 6.39 -2.49
CA THR A 100 -7.95 6.28 -3.84
C THR A 100 -7.36 7.60 -4.32
N PHE A 101 -6.18 7.52 -4.89
CA PHE A 101 -5.50 8.69 -5.46
C PHE A 101 -4.34 8.21 -6.32
N THR A 102 -3.62 9.15 -6.88
CA THR A 102 -2.47 8.82 -7.71
C THR A 102 -1.20 9.40 -7.12
N PHE A 103 -0.20 8.56 -6.98
CA PHE A 103 1.13 9.01 -6.65
C PHE A 103 1.96 9.06 -7.92
N THR A 104 2.20 10.25 -8.43
CA THR A 104 2.95 10.40 -9.65
C THR A 104 4.39 10.79 -9.34
N HIS A 105 5.28 9.82 -9.40
CA HIS A 105 6.69 10.08 -9.26
C HIS A 105 7.37 9.72 -10.56
N GLY A 106 8.45 10.41 -10.90
CA GLY A 106 8.95 10.37 -12.26
C GLY A 106 9.60 9.06 -12.61
N ASP A 107 9.24 8.60 -13.82
CA ASP A 107 9.64 7.33 -14.40
C ASP A 107 8.56 6.29 -14.18
N LEU A 108 7.56 6.63 -13.36
CA LEU A 108 6.48 5.69 -13.09
C LEU A 108 5.12 6.39 -12.94
N GLU A 109 4.06 5.65 -13.23
CA GLU A 109 2.72 6.08 -12.88
C GLU A 109 1.87 4.87 -12.50
N PHE A 110 1.14 4.98 -11.40
CA PHE A 110 0.37 3.85 -10.89
C PHE A 110 -0.73 4.33 -9.96
N GLU A 111 -1.82 3.57 -9.92
CA GLU A 111 -2.97 3.92 -9.12
C GLU A 111 -2.80 3.40 -7.70
N VAL A 112 -2.65 4.31 -6.75
CA VAL A 112 -2.35 3.96 -5.38
C VAL A 112 -3.54 4.19 -4.48
N HIS A 113 -3.58 3.40 -3.44
CA HIS A 113 -4.74 3.30 -2.59
C HIS A 113 -4.33 3.34 -1.14
N TRP A 114 -4.89 4.26 -0.36
CA TRP A 114 -4.63 4.26 1.07
C TRP A 114 -5.53 3.23 1.74
N ILE A 115 -4.94 2.10 2.01
CA ILE A 115 -5.59 0.94 2.56
C ILE A 115 -5.25 0.84 4.05
N ASN A 116 -5.78 1.78 4.81
CA ASN A 116 -5.36 1.94 6.19
C ASN A 116 -6.03 0.94 7.13
N LEU A 117 -5.31 -0.14 7.47
CA LEU A 117 -5.80 -1.08 8.46
C LEU A 117 -5.80 -0.42 9.84
N MET A 1 -1.21 -3.07 -15.89
CA MET A 1 -0.48 -1.93 -15.29
C MET A 1 -0.08 -2.25 -13.86
N ILE A 2 0.79 -1.42 -13.31
CA ILE A 2 1.14 -1.50 -11.91
C ILE A 2 0.28 -0.54 -11.11
N LYS A 3 -0.16 -1.00 -9.97
CA LYS A 3 -0.96 -0.22 -9.05
C LYS A 3 -0.50 -0.53 -7.64
N ALA A 4 -0.66 0.41 -6.73
CA ALA A 4 -0.07 0.27 -5.41
C ALA A 4 -1.10 0.44 -4.31
N ALA A 5 -0.69 0.05 -3.14
CA ALA A 5 -1.46 0.23 -1.93
C ALA A 5 -0.52 0.67 -0.81
N VAL A 6 -1.04 1.39 0.15
CA VAL A 6 -0.20 1.91 1.23
C VAL A 6 -1.04 2.20 2.46
N THR A 7 -0.41 2.15 3.60
CA THR A 7 -1.07 2.44 4.86
C THR A 7 -0.13 3.17 5.81
N LYS A 8 -0.64 4.15 6.52
CA LYS A 8 0.18 5.01 7.37
C LYS A 8 -0.10 4.79 8.84
N GLU A 9 0.96 4.54 9.59
CA GLU A 9 0.87 4.50 11.05
C GLU A 9 -0.22 3.53 11.50
N SER A 10 -0.36 2.43 10.77
CA SER A 10 -1.39 1.45 11.05
C SER A 10 -1.28 0.94 12.48
N LEU A 11 -2.42 0.76 13.12
CA LEU A 11 -2.50 0.31 14.51
C LEU A 11 -2.02 -1.14 14.61
N TYR A 12 -1.95 -1.79 13.45
CA TYR A 12 -1.54 -3.17 13.37
C TYR A 12 -0.04 -3.24 13.12
N ARG A 13 0.56 -2.08 12.94
CA ARG A 13 2.01 -1.93 12.76
C ARG A 13 2.33 -2.44 11.36
N MET A 14 3.25 -3.37 11.23
CA MET A 14 3.35 -4.13 10.00
C MET A 14 2.70 -5.49 10.24
N ASN A 15 3.29 -6.30 11.12
CA ASN A 15 2.74 -7.63 11.47
C ASN A 15 2.26 -8.40 10.24
N THR A 16 2.93 -8.11 9.14
CA THR A 16 2.67 -8.73 7.87
C THR A 16 1.45 -8.10 7.22
N LEU A 17 1.52 -6.78 7.13
CA LEU A 17 0.52 -6.00 6.42
C LEU A 17 0.58 -6.36 4.94
N MET A 18 1.72 -6.89 4.53
CA MET A 18 1.91 -7.41 3.19
C MET A 18 0.88 -8.50 2.88
N GLU A 19 0.53 -9.28 3.89
CA GLU A 19 -0.44 -10.36 3.74
C GLU A 19 -1.86 -9.86 3.99
N ALA A 20 -1.98 -8.71 4.65
CA ALA A 20 -3.28 -8.10 4.86
C ALA A 20 -3.88 -7.70 3.52
N PHE A 21 -3.16 -6.85 2.79
CA PHE A 21 -3.67 -6.37 1.51
C PHE A 21 -3.42 -7.42 0.44
N GLN A 22 -2.24 -8.04 0.53
CA GLN A 22 -1.83 -9.15 -0.35
C GLN A 22 -2.27 -8.93 -1.79
N GLY A 23 -1.94 -7.78 -2.36
CA GLY A 23 -2.26 -7.54 -3.75
C GLY A 23 -3.74 -7.35 -4.01
N PHE A 24 -4.42 -6.73 -3.06
CA PHE A 24 -5.84 -6.37 -3.20
C PHE A 24 -5.97 -5.27 -4.24
N LEU A 25 -5.74 -5.67 -5.48
CA LEU A 25 -5.51 -4.76 -6.58
C LEU A 25 -5.14 -5.58 -7.81
N GLY A 26 -4.56 -6.74 -7.55
CA GLY A 26 -4.33 -7.71 -8.61
C GLY A 26 -3.01 -8.45 -8.52
N LEU A 27 -2.72 -9.07 -7.38
CA LEU A 27 -1.59 -9.98 -7.30
C LEU A 27 -1.99 -11.31 -6.67
N ASP A 28 -1.11 -12.30 -6.80
CA ASP A 28 -1.29 -13.57 -6.13
C ASP A 28 -0.28 -13.66 -4.99
N LEU A 29 0.63 -14.60 -5.08
CA LEU A 29 1.65 -14.79 -4.06
C LEU A 29 3.02 -14.54 -4.67
N GLY A 30 3.88 -13.80 -3.96
CA GLY A 30 5.18 -13.43 -4.49
C GLY A 30 5.10 -12.28 -5.47
N GLU A 31 3.98 -12.22 -6.17
CA GLU A 31 3.66 -11.15 -7.07
C GLU A 31 3.68 -9.79 -6.36
N PHE A 32 3.50 -9.83 -5.06
CA PHE A 32 3.39 -8.61 -4.30
C PHE A 32 4.71 -8.23 -3.62
N THR A 33 4.87 -6.94 -3.42
CA THR A 33 6.06 -6.36 -2.83
C THR A 33 5.63 -5.36 -1.76
N PHE A 34 6.35 -5.29 -0.65
CA PHE A 34 5.92 -4.44 0.45
C PHE A 34 7.12 -3.89 1.20
N LYS A 35 7.09 -2.61 1.47
CA LYS A 35 8.16 -1.93 2.18
C LYS A 35 7.67 -1.52 3.56
N VAL A 36 8.42 -1.87 4.58
CA VAL A 36 8.02 -1.55 5.93
C VAL A 36 8.82 -0.38 6.48
N LYS A 37 8.11 0.70 6.80
CA LYS A 37 8.72 1.87 7.40
C LYS A 37 7.87 2.32 8.59
N PRO A 38 8.48 2.89 9.63
CA PRO A 38 7.74 3.36 10.80
C PRO A 38 6.79 4.49 10.44
N GLY A 39 5.50 4.26 10.65
CA GLY A 39 4.51 5.27 10.37
C GLY A 39 4.11 5.33 8.91
N VAL A 40 4.71 4.49 8.07
CA VAL A 40 4.35 4.47 6.67
C VAL A 40 4.69 3.11 6.04
N PHE A 41 3.68 2.45 5.52
CA PHE A 41 3.81 1.07 5.08
C PHE A 41 3.31 0.92 3.64
N LEU A 42 4.20 0.46 2.78
CA LEU A 42 3.96 0.42 1.34
C LEU A 42 3.75 -1.01 0.84
N LEU A 43 2.68 -1.23 0.09
CA LEU A 43 2.44 -2.52 -0.57
C LEU A 43 2.22 -2.28 -2.07
N THR A 44 3.14 -2.74 -2.89
CA THR A 44 3.07 -2.51 -4.32
C THR A 44 2.96 -3.80 -5.11
N ASP A 45 2.51 -3.67 -6.35
CA ASP A 45 2.25 -4.82 -7.19
C ASP A 45 3.37 -4.97 -8.23
N VAL A 46 4.51 -4.38 -7.91
CA VAL A 46 5.66 -4.35 -8.82
C VAL A 46 6.37 -5.71 -8.87
N LYS A 47 5.64 -6.72 -9.34
CA LYS A 47 6.17 -8.08 -9.41
C LYS A 47 7.39 -8.13 -10.28
N SER A 48 7.14 -8.04 -11.57
CA SER A 48 8.17 -8.05 -12.56
C SER A 48 8.41 -6.63 -13.08
N TYR A 49 8.27 -5.68 -12.18
CA TYR A 49 8.34 -4.26 -12.55
C TYR A 49 9.19 -3.48 -11.56
N LEU A 50 10.09 -2.66 -12.09
CA LEU A 50 10.83 -1.71 -11.27
C LEU A 50 11.05 -0.43 -12.07
N ILE A 51 10.77 0.71 -11.46
CA ILE A 51 10.90 2.01 -12.13
C ILE A 51 12.22 2.13 -12.89
N GLY A 52 13.32 2.18 -12.16
CA GLY A 52 14.63 2.22 -12.79
C GLY A 52 15.71 1.56 -11.96
N ASP A 53 15.58 1.63 -10.63
CA ASP A 53 16.62 1.12 -9.75
C ASP A 53 16.05 0.41 -8.52
N LYS A 54 15.35 -0.69 -8.76
CA LYS A 54 14.87 -1.56 -7.67
C LYS A 54 14.08 -0.79 -6.62
N TYR A 55 12.91 -0.31 -7.02
CA TYR A 55 11.93 0.32 -6.12
C TYR A 55 12.12 1.82 -6.07
N ASP A 56 13.34 2.24 -6.37
CA ASP A 56 13.71 3.65 -6.41
C ASP A 56 12.70 4.47 -7.20
N ASP A 57 12.25 5.58 -6.60
CA ASP A 57 11.36 6.59 -7.24
C ASP A 57 9.87 6.39 -6.93
N ALA A 58 9.49 5.32 -6.26
CA ALA A 58 8.08 5.18 -5.85
C ALA A 58 7.91 4.15 -4.78
N PHE A 59 8.63 3.10 -4.91
CA PHE A 59 8.43 1.90 -4.13
C PHE A 59 9.29 1.97 -2.86
N ASN A 60 9.08 3.08 -2.13
CA ASN A 60 9.95 3.65 -1.08
C ASN A 60 10.09 5.16 -1.31
N ALA A 61 9.38 5.68 -2.32
CA ALA A 61 9.19 7.12 -2.50
C ALA A 61 7.74 7.45 -2.14
N LEU A 62 6.89 6.46 -2.37
CA LEU A 62 5.48 6.50 -1.98
C LEU A 62 5.42 6.62 -0.46
N ILE A 63 6.48 6.11 0.16
CA ILE A 63 6.68 6.24 1.59
C ILE A 63 6.65 7.72 1.98
N ASP A 64 7.32 8.53 1.17
CA ASP A 64 7.39 9.96 1.36
C ASP A 64 6.06 10.58 1.01
N PHE A 65 5.46 10.06 -0.03
CA PHE A 65 4.09 10.44 -0.41
C PHE A 65 3.18 10.40 0.82
N VAL A 66 3.04 9.24 1.43
CA VAL A 66 2.22 9.08 2.62
C VAL A 66 2.78 9.90 3.79
N LEU A 67 4.07 10.19 3.75
CA LEU A 67 4.73 10.90 4.82
C LEU A 67 4.52 12.40 4.75
N ARG A 68 4.27 12.92 3.55
CA ARG A 68 4.04 14.34 3.40
C ARG A 68 2.55 14.60 3.46
N ASN A 69 1.79 13.54 3.28
CA ASN A 69 0.37 13.55 3.49
C ASN A 69 0.02 12.83 4.79
N ASP A 70 -1.24 12.46 4.91
CA ASP A 70 -1.72 11.65 6.03
C ASP A 70 -3.08 11.08 5.62
N ARG A 71 -3.62 10.15 6.39
CA ARG A 71 -4.89 9.55 6.03
C ARG A 71 -5.99 10.61 6.08
N ASP A 72 -6.83 10.61 5.04
CA ASP A 72 -7.92 11.60 4.90
C ASP A 72 -7.40 12.99 4.57
N ALA A 73 -6.18 13.27 5.00
CA ALA A 73 -5.55 14.55 4.72
C ALA A 73 -5.25 14.68 3.24
N VAL A 74 -5.35 13.56 2.53
CA VAL A 74 -5.11 13.52 1.10
C VAL A 74 -6.36 13.90 0.31
N GLU A 75 -6.14 14.33 -0.92
CA GLU A 75 -7.23 14.63 -1.83
C GLU A 75 -7.52 13.42 -2.71
N GLY A 76 -8.12 12.40 -2.12
CA GLY A 76 -8.39 11.19 -2.87
C GLY A 76 -9.85 10.76 -2.79
N THR A 77 -10.11 9.49 -3.08
CA THR A 77 -11.47 8.98 -3.13
C THR A 77 -11.61 7.79 -2.21
N GLU A 78 -12.33 7.98 -1.12
CA GLU A 78 -12.40 6.98 -0.08
C GLU A 78 -13.59 6.03 -0.27
N THR A 79 -13.32 4.74 -0.14
CA THR A 79 -14.35 3.72 -0.22
C THR A 79 -14.34 2.87 1.06
N ASP A 80 -15.51 2.49 1.55
CA ASP A 80 -15.59 1.63 2.74
C ASP A 80 -15.29 0.19 2.36
N VAL A 81 -14.18 -0.33 2.85
CA VAL A 81 -13.70 -1.65 2.46
C VAL A 81 -13.24 -2.48 3.65
N SER A 82 -13.02 -3.75 3.42
CA SER A 82 -12.64 -4.65 4.49
C SER A 82 -11.56 -5.64 4.01
N ILE A 83 -10.56 -5.89 4.84
CA ILE A 83 -9.40 -6.70 4.45
C ILE A 83 -9.10 -7.80 5.47
N ARG A 84 -8.57 -8.93 4.97
CA ARG A 84 -8.16 -10.02 5.82
C ARG A 84 -6.76 -9.75 6.38
N LEU A 85 -6.55 -10.00 7.66
CA LEU A 85 -5.28 -9.61 8.28
C LEU A 85 -4.28 -10.76 8.32
N GLY A 86 -3.84 -11.19 7.14
CA GLY A 86 -2.66 -12.03 7.06
C GLY A 86 -2.92 -13.32 6.33
N LEU A 87 -3.30 -14.32 7.08
CA LEU A 87 -3.67 -15.63 6.54
C LEU A 87 -4.95 -15.47 5.70
N SER A 88 -5.40 -16.56 5.09
CA SER A 88 -6.57 -16.58 4.21
C SER A 88 -7.71 -15.68 4.71
N PRO A 89 -8.53 -15.13 3.78
CA PRO A 89 -9.60 -14.17 4.10
C PRO A 89 -10.34 -14.44 5.41
N SER A 90 -10.60 -15.72 5.68
CA SER A 90 -11.37 -16.11 6.85
C SER A 90 -10.55 -16.08 8.14
N ASP A 91 -9.29 -15.69 8.08
CA ASP A 91 -8.45 -15.72 9.27
C ASP A 91 -8.70 -14.50 10.15
N MET A 92 -8.92 -13.36 9.51
CA MET A 92 -9.20 -12.12 10.19
C MET A 92 -9.76 -11.13 9.20
N VAL A 93 -10.62 -10.22 9.64
CA VAL A 93 -11.05 -9.12 8.78
C VAL A 93 -11.12 -7.82 9.58
N VAL A 94 -10.75 -6.74 8.94
CA VAL A 94 -10.85 -5.42 9.53
C VAL A 94 -11.61 -4.52 8.58
N LYS A 95 -12.25 -3.49 9.12
CA LYS A 95 -12.90 -2.51 8.28
C LYS A 95 -12.01 -1.30 8.10
N ARG A 96 -11.76 -0.98 6.86
CA ARG A 96 -10.78 0.02 6.47
C ARG A 96 -11.37 0.92 5.43
N GLN A 97 -10.76 2.07 5.24
CA GLN A 97 -11.20 2.98 4.22
C GLN A 97 -10.21 2.98 3.09
N ASP A 98 -10.69 2.78 1.90
CA ASP A 98 -9.82 2.76 0.75
C ASP A 98 -9.75 4.14 0.17
N LYS A 99 -8.70 4.86 0.49
CA LYS A 99 -8.52 6.18 -0.05
C LYS A 99 -7.79 6.06 -1.38
N THR A 100 -8.51 6.20 -2.45
CA THR A 100 -7.95 6.04 -3.78
C THR A 100 -7.33 7.35 -4.26
N PHE A 101 -6.11 7.27 -4.79
CA PHE A 101 -5.43 8.42 -5.35
C PHE A 101 -4.30 7.96 -6.25
N THR A 102 -3.58 8.91 -6.78
CA THR A 102 -2.44 8.60 -7.62
C THR A 102 -1.18 9.22 -7.10
N PHE A 103 -0.15 8.41 -7.00
CA PHE A 103 1.17 8.90 -6.70
C PHE A 103 1.94 9.00 -8.00
N THR A 104 2.15 10.20 -8.48
CA THR A 104 2.87 10.36 -9.71
C THR A 104 4.28 10.83 -9.44
N HIS A 105 5.21 9.89 -9.47
CA HIS A 105 6.62 10.20 -9.38
C HIS A 105 7.26 9.82 -10.71
N GLY A 106 8.30 10.52 -11.09
CA GLY A 106 8.73 10.51 -12.48
C GLY A 106 9.36 9.21 -12.93
N ASP A 107 8.93 8.79 -14.13
CA ASP A 107 9.34 7.54 -14.78
C ASP A 107 8.32 6.46 -14.48
N LEU A 108 7.38 6.79 -13.61
CA LEU A 108 6.34 5.83 -13.24
C LEU A 108 4.97 6.50 -13.04
N GLU A 109 3.91 5.73 -13.28
CA GLU A 109 2.56 6.13 -12.92
C GLU A 109 1.73 4.91 -12.53
N PHE A 110 0.99 5.02 -11.44
CA PHE A 110 0.23 3.89 -10.90
C PHE A 110 -0.88 4.37 -9.97
N GLU A 111 -1.94 3.59 -9.89
CA GLU A 111 -3.07 3.92 -9.03
C GLU A 111 -2.81 3.39 -7.64
N VAL A 112 -2.71 4.29 -6.68
CA VAL A 112 -2.31 3.94 -5.33
C VAL A 112 -3.43 4.20 -4.36
N HIS A 113 -3.44 3.39 -3.32
CA HIS A 113 -4.58 3.29 -2.45
C HIS A 113 -4.18 3.34 -1.00
N TRP A 114 -4.87 4.14 -0.21
CA TRP A 114 -4.65 4.12 1.23
C TRP A 114 -5.49 3.03 1.84
N ILE A 115 -4.81 2.06 2.39
CA ILE A 115 -5.44 0.89 2.91
C ILE A 115 -5.33 0.91 4.43
N ASN A 116 -5.92 1.94 5.01
CA ASN A 116 -5.82 2.19 6.43
C ASN A 116 -6.67 1.20 7.21
N LEU A 117 -6.02 0.18 7.73
CA LEU A 117 -6.69 -0.84 8.52
C LEU A 117 -7.15 -0.22 9.84
N MET A 1 -1.77 -1.66 -15.28
CA MET A 1 -0.61 -2.58 -15.15
C MET A 1 -0.11 -2.63 -13.72
N ILE A 2 0.49 -1.54 -13.26
CA ILE A 2 0.98 -1.45 -11.89
C ILE A 2 0.04 -0.58 -11.06
N LYS A 3 -0.21 -1.02 -9.85
CA LYS A 3 -1.06 -0.33 -8.92
C LYS A 3 -0.57 -0.59 -7.51
N ALA A 4 -0.65 0.42 -6.67
CA ALA A 4 -0.07 0.34 -5.35
C ALA A 4 -1.11 0.53 -4.28
N ALA A 5 -0.78 0.07 -3.10
CA ALA A 5 -1.58 0.26 -1.94
C ALA A 5 -0.68 0.66 -0.78
N VAL A 6 -1.25 1.20 0.29
CA VAL A 6 -0.43 1.71 1.38
C VAL A 6 -1.24 1.85 2.65
N THR A 7 -0.55 1.82 3.77
CA THR A 7 -1.18 1.98 5.08
C THR A 7 -0.28 2.79 6.00
N LYS A 8 -0.88 3.70 6.76
CA LYS A 8 -0.10 4.61 7.59
C LYS A 8 -0.46 4.48 9.06
N GLU A 9 0.57 4.29 9.88
CA GLU A 9 0.43 4.28 11.33
C GLU A 9 -0.67 3.30 11.78
N SER A 10 -0.71 2.15 11.12
CA SER A 10 -1.72 1.14 11.39
C SER A 10 -1.56 0.57 12.80
N LEU A 11 -2.69 0.21 13.40
CA LEU A 11 -2.76 -0.32 14.76
C LEU A 11 -1.99 -1.63 14.87
N TYR A 12 -1.81 -2.29 13.73
CA TYR A 12 -1.14 -3.58 13.67
C TYR A 12 0.35 -3.39 13.41
N ARG A 13 0.75 -2.14 13.27
CA ARG A 13 2.12 -1.79 12.97
C ARG A 13 2.43 -2.31 11.57
N MET A 14 3.27 -3.31 11.44
CA MET A 14 3.34 -4.07 10.21
C MET A 14 2.67 -5.44 10.42
N ASN A 15 3.28 -6.28 11.26
CA ASN A 15 2.77 -7.63 11.54
C ASN A 15 2.25 -8.32 10.29
N THR A 16 2.90 -8.05 9.16
CA THR A 16 2.64 -8.72 7.90
C THR A 16 1.43 -8.10 7.23
N LEU A 17 1.40 -6.77 7.27
CA LEU A 17 0.40 -5.98 6.57
C LEU A 17 0.49 -6.23 5.06
N MET A 18 1.62 -6.79 4.62
CA MET A 18 1.79 -7.20 3.24
C MET A 18 0.73 -8.23 2.86
N GLU A 19 0.63 -9.26 3.69
CA GLU A 19 -0.27 -10.38 3.44
C GLU A 19 -1.72 -10.00 3.70
N ALA A 20 -1.91 -8.87 4.36
CA ALA A 20 -3.25 -8.34 4.58
C ALA A 20 -3.92 -8.03 3.25
N PHE A 21 -3.25 -7.24 2.43
CA PHE A 21 -3.79 -6.94 1.12
C PHE A 21 -3.40 -8.03 0.16
N GLN A 22 -2.16 -8.50 0.29
CA GLN A 22 -1.60 -9.52 -0.59
C GLN A 22 -1.99 -9.26 -2.04
N GLY A 23 -1.79 -8.03 -2.48
CA GLY A 23 -2.14 -7.68 -3.83
C GLY A 23 -3.62 -7.51 -4.03
N PHE A 24 -4.29 -6.96 -3.03
CA PHE A 24 -5.70 -6.59 -3.14
C PHE A 24 -5.83 -5.44 -4.15
N LEU A 25 -5.63 -5.81 -5.41
CA LEU A 25 -5.41 -4.87 -6.50
C LEU A 25 -5.01 -5.66 -7.74
N GLY A 26 -4.35 -6.78 -7.52
CA GLY A 26 -4.11 -7.71 -8.61
C GLY A 26 -2.81 -8.50 -8.52
N LEU A 27 -2.52 -9.14 -7.39
CA LEU A 27 -1.37 -10.00 -7.29
C LEU A 27 -1.71 -11.35 -6.69
N ASP A 28 -0.95 -12.37 -7.06
CA ASP A 28 -1.05 -13.67 -6.41
C ASP A 28 0.10 -13.83 -5.43
N LEU A 29 1.11 -14.58 -5.80
CA LEU A 29 2.23 -14.81 -4.91
C LEU A 29 3.54 -14.40 -5.57
N GLY A 30 4.33 -13.61 -4.86
CA GLY A 30 5.59 -13.15 -5.42
C GLY A 30 5.41 -11.95 -6.29
N GLU A 31 4.22 -11.80 -6.82
CA GLU A 31 3.88 -10.66 -7.62
C GLU A 31 3.83 -9.40 -6.77
N PHE A 32 3.72 -9.62 -5.46
CA PHE A 32 3.57 -8.52 -4.52
C PHE A 32 4.88 -8.21 -3.81
N THR A 33 5.13 -6.92 -3.58
CA THR A 33 6.28 -6.48 -2.82
C THR A 33 5.87 -5.37 -1.85
N PHE A 34 6.34 -5.45 -0.61
CA PHE A 34 5.89 -4.55 0.43
C PHE A 34 7.09 -3.98 1.19
N LYS A 35 7.01 -2.71 1.54
CA LYS A 35 8.09 -2.04 2.23
C LYS A 35 7.61 -1.56 3.60
N VAL A 36 8.37 -1.90 4.63
CA VAL A 36 7.99 -1.52 5.99
C VAL A 36 8.80 -0.31 6.46
N LYS A 37 8.11 0.76 6.79
CA LYS A 37 8.72 1.97 7.31
C LYS A 37 7.90 2.48 8.49
N PRO A 38 8.52 3.25 9.42
CA PRO A 38 7.81 3.74 10.60
C PRO A 38 6.63 4.64 10.24
N GLY A 39 5.44 4.22 10.64
CA GLY A 39 4.24 5.01 10.41
C GLY A 39 3.78 5.01 8.96
N VAL A 40 4.57 4.43 8.07
CA VAL A 40 4.20 4.39 6.66
C VAL A 40 4.61 3.07 6.03
N PHE A 41 3.65 2.37 5.48
CA PHE A 41 3.86 1.01 5.03
C PHE A 41 3.34 0.85 3.60
N LEU A 42 4.23 0.43 2.70
CA LEU A 42 3.93 0.37 1.28
C LEU A 42 3.69 -1.05 0.79
N LEU A 43 2.59 -1.26 0.08
CA LEU A 43 2.34 -2.54 -0.59
C LEU A 43 2.15 -2.28 -2.10
N THR A 44 3.10 -2.73 -2.90
CA THR A 44 3.01 -2.50 -4.35
C THR A 44 2.90 -3.80 -5.11
N ASP A 45 2.45 -3.68 -6.35
CA ASP A 45 2.20 -4.85 -7.17
C ASP A 45 3.34 -5.11 -8.12
N VAL A 46 4.42 -4.36 -7.97
CA VAL A 46 5.61 -4.57 -8.78
C VAL A 46 6.20 -5.94 -8.52
N LYS A 47 6.32 -6.72 -9.59
CA LYS A 47 6.74 -8.10 -9.48
C LYS A 47 8.14 -8.26 -10.03
N SER A 48 8.27 -7.92 -11.30
CA SER A 48 9.52 -7.99 -12.00
C SER A 48 9.85 -6.58 -12.49
N TYR A 49 9.16 -5.63 -11.87
CA TYR A 49 9.21 -4.23 -12.28
C TYR A 49 9.91 -3.40 -11.23
N LEU A 50 10.85 -2.57 -11.68
CA LEU A 50 11.45 -1.57 -10.82
C LEU A 50 11.74 -0.32 -11.64
N ILE A 51 11.30 0.81 -11.12
CA ILE A 51 11.31 2.08 -11.85
C ILE A 51 12.65 2.38 -12.52
N GLY A 52 13.57 2.96 -11.76
CA GLY A 52 14.84 3.33 -12.33
C GLY A 52 16.01 2.73 -11.58
N ASP A 53 15.88 2.60 -10.28
CA ASP A 53 16.99 2.14 -9.44
C ASP A 53 16.47 1.21 -8.37
N LYS A 54 15.84 0.13 -8.80
CA LYS A 54 15.31 -0.90 -7.90
C LYS A 54 14.40 -0.29 -6.83
N TYR A 55 13.23 0.20 -7.27
CA TYR A 55 12.15 0.67 -6.37
C TYR A 55 12.31 2.14 -6.06
N ASP A 56 13.51 2.65 -6.24
CA ASP A 56 13.78 4.07 -6.15
C ASP A 56 12.77 4.85 -7.00
N ASP A 57 12.23 5.92 -6.43
CA ASP A 57 11.30 6.85 -7.11
C ASP A 57 9.82 6.52 -6.91
N ALA A 58 9.49 5.50 -6.13
CA ALA A 58 8.08 5.27 -5.78
C ALA A 58 7.93 4.18 -4.75
N PHE A 59 8.67 3.15 -4.96
CA PHE A 59 8.56 1.92 -4.20
C PHE A 59 9.38 2.03 -2.93
N ASN A 60 9.11 3.13 -2.19
CA ASN A 60 9.90 3.70 -1.09
C ASN A 60 10.03 5.21 -1.27
N ALA A 61 9.38 5.74 -2.30
CA ALA A 61 9.15 7.18 -2.41
C ALA A 61 7.72 7.44 -2.03
N LEU A 62 6.89 6.43 -2.29
CA LEU A 62 5.51 6.41 -1.85
C LEU A 62 5.45 6.60 -0.35
N ILE A 63 6.46 6.05 0.32
CA ILE A 63 6.60 6.16 1.76
C ILE A 63 6.57 7.62 2.17
N ASP A 64 7.34 8.42 1.45
CA ASP A 64 7.45 9.85 1.70
C ASP A 64 6.19 10.57 1.26
N PHE A 65 5.63 10.11 0.15
CA PHE A 65 4.34 10.60 -0.32
C PHE A 65 3.32 10.53 0.81
N VAL A 66 3.17 9.35 1.37
CA VAL A 66 2.25 9.13 2.47
C VAL A 66 2.60 10.01 3.66
N LEU A 67 3.86 10.37 3.76
CA LEU A 67 4.36 11.15 4.87
C LEU A 67 4.24 12.65 4.67
N ARG A 68 4.05 13.11 3.43
CA ARG A 68 3.77 14.52 3.22
C ARG A 68 2.27 14.69 3.27
N ASN A 69 1.60 13.59 3.02
CA ASN A 69 0.17 13.47 3.18
C ASN A 69 -0.14 12.73 4.47
N ASP A 70 -1.38 12.32 4.60
CA ASP A 70 -1.81 11.42 5.66
C ASP A 70 -3.19 10.90 5.30
N ARG A 71 -3.64 9.82 5.92
CA ARG A 71 -4.96 9.29 5.62
C ARG A 71 -5.98 10.36 5.96
N ASP A 72 -6.84 10.68 4.97
CA ASP A 72 -7.80 11.80 5.07
C ASP A 72 -7.14 13.12 4.74
N ALA A 73 -5.89 13.26 5.14
CA ALA A 73 -5.10 14.45 4.84
C ALA A 73 -4.82 14.54 3.34
N VAL A 74 -5.19 13.50 2.62
CA VAL A 74 -5.02 13.44 1.17
C VAL A 74 -6.22 13.98 0.44
N GLU A 75 -6.00 14.39 -0.79
CA GLU A 75 -7.08 14.80 -1.65
C GLU A 75 -7.40 13.66 -2.63
N GLY A 76 -8.02 12.62 -2.10
CA GLY A 76 -8.36 11.46 -2.90
C GLY A 76 -9.82 11.12 -2.83
N THR A 77 -10.13 9.85 -3.02
CA THR A 77 -11.50 9.37 -3.01
C THR A 77 -11.63 8.17 -2.09
N GLU A 78 -12.28 8.38 -0.96
CA GLU A 78 -12.32 7.38 0.10
C GLU A 78 -13.56 6.48 0.01
N THR A 79 -13.33 5.20 0.24
CA THR A 79 -14.38 4.21 0.27
C THR A 79 -14.26 3.33 1.52
N ASP A 80 -15.39 2.90 2.08
CA ASP A 80 -15.36 2.07 3.28
C ASP A 80 -15.14 0.60 2.91
N VAL A 81 -14.07 0.03 3.44
CA VAL A 81 -13.66 -1.33 3.09
C VAL A 81 -13.07 -2.08 4.29
N SER A 82 -12.92 -3.40 4.17
CA SER A 82 -12.28 -4.19 5.22
C SER A 82 -11.38 -5.28 4.63
N ILE A 83 -10.19 -5.45 5.19
CA ILE A 83 -9.22 -6.41 4.68
C ILE A 83 -8.93 -7.49 5.70
N ARG A 84 -8.64 -8.68 5.22
CA ARG A 84 -8.22 -9.77 6.06
C ARG A 84 -6.73 -9.63 6.36
N LEU A 85 -6.39 -9.59 7.63
CA LEU A 85 -5.01 -9.44 8.05
C LEU A 85 -4.22 -10.72 7.78
N GLY A 86 -3.12 -10.61 7.04
CA GLY A 86 -2.30 -11.78 6.75
C GLY A 86 -1.53 -12.22 7.96
N LEU A 87 -2.23 -12.93 8.83
CA LEU A 87 -1.73 -13.23 10.14
C LEU A 87 -2.23 -14.58 10.65
N SER A 88 -1.83 -14.87 11.87
CA SER A 88 -2.19 -16.09 12.59
C SER A 88 -3.71 -16.11 12.85
N PRO A 89 -4.29 -17.16 13.48
CA PRO A 89 -5.75 -17.26 13.71
C PRO A 89 -6.46 -15.96 14.11
N SER A 90 -5.75 -15.04 14.77
CA SER A 90 -6.33 -13.74 15.14
C SER A 90 -6.19 -12.74 13.99
N ASP A 91 -6.20 -13.26 12.77
CA ASP A 91 -5.98 -12.47 11.56
C ASP A 91 -7.30 -11.87 11.05
N MET A 92 -8.12 -11.45 12.00
CA MET A 92 -9.46 -10.94 11.70
C MET A 92 -9.39 -9.70 10.82
N VAL A 93 -10.36 -9.59 9.92
CA VAL A 93 -10.49 -8.45 9.04
C VAL A 93 -10.68 -7.16 9.83
N VAL A 94 -10.01 -6.11 9.41
CA VAL A 94 -10.08 -4.84 10.08
C VAL A 94 -10.66 -3.78 9.15
N LYS A 95 -11.41 -2.84 9.72
CA LYS A 95 -12.03 -1.78 8.96
C LYS A 95 -10.99 -0.80 8.44
N ARG A 96 -11.08 -0.49 7.17
CA ARG A 96 -10.14 0.38 6.50
C ARG A 96 -10.87 1.46 5.74
N GLN A 97 -10.16 2.53 5.44
CA GLN A 97 -10.70 3.56 4.59
C GLN A 97 -9.92 3.62 3.29
N ASP A 98 -10.53 3.12 2.24
CA ASP A 98 -9.88 3.00 0.95
C ASP A 98 -9.79 4.35 0.29
N LYS A 99 -8.64 4.98 0.40
CA LYS A 99 -8.45 6.29 -0.17
C LYS A 99 -7.84 6.16 -1.55
N THR A 100 -8.59 6.52 -2.56
CA THR A 100 -8.13 6.41 -3.92
C THR A 100 -7.45 7.67 -4.39
N PHE A 101 -6.22 7.54 -4.86
CA PHE A 101 -5.48 8.64 -5.42
C PHE A 101 -4.39 8.11 -6.32
N THR A 102 -3.61 8.99 -6.86
CA THR A 102 -2.52 8.58 -7.71
C THR A 102 -1.22 9.19 -7.26
N PHE A 103 -0.26 8.34 -7.01
CA PHE A 103 1.08 8.79 -6.72
C PHE A 103 1.89 8.79 -8.01
N THR A 104 2.00 9.93 -8.62
CA THR A 104 2.74 10.01 -9.85
C THR A 104 4.13 10.54 -9.59
N HIS A 105 5.09 9.64 -9.50
CA HIS A 105 6.47 10.02 -9.38
C HIS A 105 7.16 9.67 -10.69
N GLY A 106 8.18 10.39 -11.06
CA GLY A 106 8.63 10.40 -12.43
C GLY A 106 9.27 9.12 -12.90
N ASP A 107 8.81 8.72 -14.10
CA ASP A 107 9.22 7.52 -14.82
C ASP A 107 8.26 6.39 -14.50
N LEU A 108 7.33 6.66 -13.60
CA LEU A 108 6.31 5.67 -13.26
C LEU A 108 4.92 6.30 -13.12
N GLU A 109 3.90 5.51 -13.41
CA GLU A 109 2.51 5.93 -13.20
C GLU A 109 1.68 4.71 -12.80
N PHE A 110 0.96 4.83 -11.70
CA PHE A 110 0.22 3.69 -11.15
C PHE A 110 -0.90 4.13 -10.19
N GLU A 111 -1.90 3.26 -10.07
CA GLU A 111 -3.08 3.54 -9.24
C GLU A 111 -2.80 3.20 -7.78
N VAL A 112 -2.91 4.20 -6.92
CA VAL A 112 -2.52 4.08 -5.53
C VAL A 112 -3.71 4.24 -4.61
N HIS A 113 -3.72 3.41 -3.59
CA HIS A 113 -4.82 3.33 -2.69
C HIS A 113 -4.34 3.31 -1.25
N TRP A 114 -4.96 4.10 -0.40
CA TRP A 114 -4.66 4.02 1.01
C TRP A 114 -5.56 2.97 1.64
N ILE A 115 -4.92 1.90 2.01
CA ILE A 115 -5.56 0.71 2.50
C ILE A 115 -5.26 0.57 3.99
N ASN A 116 -5.47 1.68 4.69
CA ASN A 116 -5.09 1.83 6.07
C ASN A 116 -5.85 0.87 7.00
N LEU A 117 -5.13 -0.08 7.61
CA LEU A 117 -5.72 -0.91 8.67
C LEU A 117 -5.84 -0.10 9.95
N MET A 1 1.03 -3.46 -16.16
CA MET A 1 0.79 -2.18 -15.46
C MET A 1 1.08 -2.33 -13.98
N ILE A 2 1.31 -1.23 -13.30
CA ILE A 2 1.61 -1.25 -11.88
C ILE A 2 0.68 -0.34 -11.11
N LYS A 3 0.27 -0.82 -9.94
CA LYS A 3 -0.45 -0.03 -8.97
C LYS A 3 0.22 -0.22 -7.62
N ALA A 4 -0.31 0.41 -6.59
CA ALA A 4 0.21 0.22 -5.25
C ALA A 4 -0.86 0.46 -4.20
N ALA A 5 -0.58 0.00 -3.00
CA ALA A 5 -1.41 0.22 -1.86
C ALA A 5 -0.54 0.67 -0.70
N VAL A 6 -1.12 1.29 0.30
CA VAL A 6 -0.33 1.83 1.39
C VAL A 6 -1.17 2.02 2.63
N THR A 7 -0.53 2.01 3.77
CA THR A 7 -1.19 2.24 5.04
C THR A 7 -0.27 3.01 5.98
N LYS A 8 -0.82 3.96 6.71
CA LYS A 8 0.01 4.88 7.50
C LYS A 8 -0.23 4.72 8.97
N GLU A 9 0.86 4.58 9.71
CA GLU A 9 0.82 4.52 11.16
C GLU A 9 -0.15 3.44 11.64
N SER A 10 -0.23 2.37 10.85
CA SER A 10 -1.13 1.28 11.09
C SER A 10 -0.94 0.71 12.48
N LEU A 11 -2.05 0.53 13.20
CA LEU A 11 -2.03 0.07 14.59
C LEU A 11 -1.43 -1.32 14.70
N TYR A 12 -1.49 -2.04 13.60
CA TYR A 12 -0.95 -3.39 13.54
C TYR A 12 0.56 -3.34 13.32
N ARG A 13 1.09 -2.14 13.08
CA ARG A 13 2.49 -1.94 12.78
C ARG A 13 2.71 -2.47 11.38
N MET A 14 3.52 -3.51 11.22
CA MET A 14 3.51 -4.30 10.01
C MET A 14 2.80 -5.63 10.28
N ASN A 15 3.41 -6.47 11.13
CA ASN A 15 2.86 -7.79 11.46
C ASN A 15 2.27 -8.52 10.25
N THR A 16 2.87 -8.27 9.09
CA THR A 16 2.52 -8.95 7.85
C THR A 16 1.36 -8.22 7.18
N LEU A 17 1.43 -6.89 7.23
CA LEU A 17 0.47 -6.02 6.54
C LEU A 17 0.45 -6.33 5.05
N MET A 18 1.55 -6.86 4.56
CA MET A 18 1.66 -7.29 3.17
C MET A 18 0.55 -8.27 2.83
N GLU A 19 0.42 -9.29 3.65
CA GLU A 19 -0.51 -10.39 3.40
C GLU A 19 -1.93 -10.01 3.80
N ALA A 20 -2.06 -8.86 4.45
CA ALA A 20 -3.37 -8.30 4.72
C ALA A 20 -4.07 -7.95 3.41
N PHE A 21 -3.45 -7.06 2.64
CA PHE A 21 -4.00 -6.68 1.36
C PHE A 21 -3.74 -7.79 0.36
N GLN A 22 -2.55 -8.36 0.46
CA GLN A 22 -2.06 -9.43 -0.41
C GLN A 22 -2.58 -9.26 -1.84
N GLY A 23 -2.18 -8.18 -2.48
CA GLY A 23 -2.58 -7.99 -3.85
C GLY A 23 -4.00 -7.51 -3.98
N PHE A 24 -4.45 -6.69 -3.04
CA PHE A 24 -5.79 -6.14 -3.10
C PHE A 24 -5.83 -5.06 -4.17
N LEU A 25 -5.70 -5.52 -5.41
CA LEU A 25 -5.56 -4.69 -6.59
C LEU A 25 -5.16 -5.56 -7.78
N GLY A 26 -4.56 -6.73 -7.48
CA GLY A 26 -4.34 -7.73 -8.52
C GLY A 26 -3.04 -8.52 -8.40
N LEU A 27 -2.72 -9.02 -7.21
CA LEU A 27 -1.52 -9.82 -7.03
C LEU A 27 -1.82 -11.16 -6.36
N ASP A 28 -1.35 -12.25 -6.99
CA ASP A 28 -1.59 -13.61 -6.50
C ASP A 28 -0.53 -14.01 -5.47
N LEU A 29 0.67 -14.23 -5.96
CA LEU A 29 1.80 -14.54 -5.10
C LEU A 29 3.08 -14.16 -5.84
N GLY A 30 4.00 -13.51 -5.13
CA GLY A 30 5.20 -12.99 -5.79
C GLY A 30 4.94 -11.70 -6.52
N GLU A 31 3.74 -11.59 -7.02
CA GLU A 31 3.30 -10.38 -7.67
C GLU A 31 3.32 -9.21 -6.69
N PHE A 32 3.30 -9.50 -5.40
CA PHE A 32 3.23 -8.45 -4.40
C PHE A 32 4.58 -8.18 -3.73
N THR A 33 4.82 -6.91 -3.46
CA THR A 33 6.01 -6.46 -2.76
C THR A 33 5.59 -5.45 -1.69
N PHE A 34 6.23 -5.45 -0.54
CA PHE A 34 5.82 -4.54 0.53
C PHE A 34 7.03 -3.96 1.23
N LYS A 35 7.04 -2.63 1.37
CA LYS A 35 8.09 -1.93 2.06
C LYS A 35 7.61 -1.58 3.45
N VAL A 36 8.30 -2.08 4.46
CA VAL A 36 7.93 -1.77 5.81
C VAL A 36 8.74 -0.60 6.30
N LYS A 37 8.06 0.51 6.50
CA LYS A 37 8.68 1.73 6.95
C LYS A 37 7.88 2.25 8.13
N PRO A 38 8.52 2.44 9.30
CA PRO A 38 7.82 2.91 10.49
C PRO A 38 6.92 4.11 10.21
N GLY A 39 5.64 3.95 10.48
CA GLY A 39 4.67 5.01 10.30
C GLY A 39 4.11 5.09 8.89
N VAL A 40 4.73 4.42 7.94
CA VAL A 40 4.25 4.41 6.56
C VAL A 40 4.60 3.10 5.88
N PHE A 41 3.57 2.38 5.49
CA PHE A 41 3.73 1.00 5.08
C PHE A 41 3.19 0.80 3.68
N LEU A 42 4.06 0.34 2.79
CA LEU A 42 3.79 0.30 1.36
C LEU A 42 3.60 -1.12 0.85
N LEU A 43 2.47 -1.38 0.21
CA LEU A 43 2.26 -2.65 -0.47
C LEU A 43 2.14 -2.37 -1.96
N THR A 44 3.13 -2.74 -2.73
CA THR A 44 3.12 -2.46 -4.14
C THR A 44 2.84 -3.70 -4.94
N ASP A 45 2.47 -3.48 -6.18
CA ASP A 45 2.11 -4.57 -7.06
C ASP A 45 3.28 -4.90 -7.98
N VAL A 46 4.40 -4.24 -7.75
CA VAL A 46 5.60 -4.47 -8.54
C VAL A 46 6.17 -5.85 -8.24
N LYS A 47 6.50 -6.59 -9.29
CA LYS A 47 7.02 -7.94 -9.13
C LYS A 47 8.40 -8.04 -9.74
N SER A 48 8.42 -7.99 -11.06
CA SER A 48 9.64 -8.01 -11.83
C SER A 48 9.87 -6.63 -12.41
N TYR A 49 9.27 -5.65 -11.77
CA TYR A 49 9.24 -4.28 -12.27
C TYR A 49 9.99 -3.34 -11.36
N LEU A 50 10.88 -2.57 -11.96
CA LEU A 50 11.66 -1.58 -11.23
C LEU A 50 11.65 -0.29 -12.02
N ILE A 51 11.41 0.80 -11.32
CA ILE A 51 11.49 2.14 -11.90
C ILE A 51 12.87 2.42 -12.50
N GLY A 52 13.85 1.65 -12.05
CA GLY A 52 15.19 1.79 -12.59
C GLY A 52 16.24 1.41 -11.58
N ASP A 53 16.06 1.83 -10.34
CA ASP A 53 17.07 1.62 -9.32
C ASP A 53 16.51 0.71 -8.23
N LYS A 54 15.66 -0.23 -8.66
CA LYS A 54 15.05 -1.21 -7.75
C LYS A 54 14.13 -0.55 -6.73
N TYR A 55 13.00 -0.02 -7.22
CA TYR A 55 11.89 0.47 -6.36
C TYR A 55 12.05 1.96 -6.07
N ASP A 56 13.27 2.43 -6.19
CA ASP A 56 13.59 3.84 -6.09
C ASP A 56 12.61 4.67 -6.93
N ASP A 57 12.11 5.77 -6.36
CA ASP A 57 11.24 6.74 -7.04
C ASP A 57 9.74 6.47 -6.85
N ALA A 58 9.35 5.36 -6.26
CA ALA A 58 7.93 5.18 -5.91
C ALA A 58 7.74 4.10 -4.87
N PHE A 59 8.48 3.07 -5.04
CA PHE A 59 8.32 1.85 -4.28
C PHE A 59 9.16 1.93 -3.00
N ASN A 60 8.89 3.04 -2.27
CA ASN A 60 9.71 3.60 -1.18
C ASN A 60 9.86 5.12 -1.38
N ALA A 61 9.13 5.65 -2.37
CA ALA A 61 8.93 7.09 -2.50
C ALA A 61 7.49 7.39 -2.17
N LEU A 62 6.68 6.38 -2.45
CA LEU A 62 5.30 6.33 -2.01
C LEU A 62 5.27 6.54 -0.51
N ILE A 63 6.31 6.03 0.12
CA ILE A 63 6.55 6.18 1.54
C ILE A 63 6.56 7.66 1.91
N ASP A 64 7.25 8.45 1.10
CA ASP A 64 7.38 9.89 1.29
C ASP A 64 6.07 10.57 0.97
N PHE A 65 5.43 10.09 -0.07
CA PHE A 65 4.06 10.51 -0.39
C PHE A 65 3.17 10.44 0.85
N VAL A 66 3.01 9.25 1.42
CA VAL A 66 2.20 9.08 2.60
C VAL A 66 2.79 9.85 3.78
N LEU A 67 4.08 10.06 3.75
CA LEU A 67 4.79 10.71 4.84
C LEU A 67 4.54 12.21 4.87
N ARG A 68 4.23 12.78 3.71
CA ARG A 68 3.91 14.21 3.66
C ARG A 68 2.42 14.40 3.85
N ASN A 69 1.66 13.40 3.45
CA ASN A 69 0.22 13.40 3.60
C ASN A 69 -0.18 12.61 4.82
N ASP A 70 -1.45 12.25 4.85
CA ASP A 70 -2.02 11.42 5.89
C ASP A 70 -3.33 10.89 5.34
N ARG A 71 -3.89 9.84 5.93
CA ARG A 71 -5.22 9.41 5.50
C ARG A 71 -6.16 10.58 5.62
N ASP A 72 -7.04 10.75 4.63
CA ASP A 72 -8.02 11.86 4.62
C ASP A 72 -7.40 13.17 4.21
N ALA A 73 -6.19 13.40 4.70
CA ALA A 73 -5.44 14.60 4.40
C ALA A 73 -4.95 14.61 2.95
N VAL A 74 -5.43 13.65 2.19
CA VAL A 74 -5.07 13.50 0.78
C VAL A 74 -6.23 13.91 -0.13
N GLU A 75 -5.89 14.25 -1.37
CA GLU A 75 -6.89 14.55 -2.37
C GLU A 75 -7.28 13.27 -3.12
N GLY A 76 -8.07 12.42 -2.48
CA GLY A 76 -8.42 11.15 -3.08
C GLY A 76 -9.90 10.82 -3.00
N THR A 77 -10.21 9.54 -3.09
CA THR A 77 -11.59 9.07 -3.09
C THR A 77 -11.74 7.88 -2.16
N GLU A 78 -12.46 8.06 -1.07
CA GLU A 78 -12.51 7.08 -0.01
C GLU A 78 -13.70 6.13 -0.14
N THR A 79 -13.43 4.86 0.12
CA THR A 79 -14.47 3.84 0.15
C THR A 79 -14.36 3.00 1.43
N ASP A 80 -15.49 2.67 2.04
CA ASP A 80 -15.49 1.83 3.23
C ASP A 80 -15.12 0.40 2.88
N VAL A 81 -14.06 -0.10 3.48
CA VAL A 81 -13.53 -1.42 3.16
C VAL A 81 -13.04 -2.17 4.40
N SER A 82 -12.82 -3.46 4.22
CA SER A 82 -12.32 -4.29 5.28
C SER A 82 -11.30 -5.31 4.74
N ILE A 83 -10.19 -5.47 5.44
CA ILE A 83 -9.12 -6.34 4.98
C ILE A 83 -8.76 -7.37 6.07
N ARG A 84 -8.49 -8.61 5.66
CA ARG A 84 -8.01 -9.62 6.59
C ARG A 84 -6.51 -9.46 6.80
N LEU A 85 -6.08 -9.53 8.04
CA LEU A 85 -4.68 -9.37 8.39
C LEU A 85 -3.91 -10.66 8.14
N GLY A 86 -3.15 -10.72 7.04
CA GLY A 86 -2.40 -11.93 6.68
C GLY A 86 -1.51 -12.45 7.80
N LEU A 87 -2.11 -13.24 8.66
CA LEU A 87 -1.48 -13.66 9.90
C LEU A 87 -2.05 -14.99 10.36
N SER A 88 -1.57 -15.47 11.49
CA SER A 88 -2.04 -16.70 12.12
C SER A 88 -3.52 -16.53 12.53
N PRO A 89 -4.19 -17.56 13.11
CA PRO A 89 -5.65 -17.52 13.41
C PRO A 89 -6.15 -16.18 14.00
N SER A 90 -5.28 -15.43 14.67
CA SER A 90 -5.64 -14.11 15.18
C SER A 90 -5.52 -13.04 14.09
N ASP A 91 -5.74 -13.45 12.85
CA ASP A 91 -5.54 -12.60 11.69
C ASP A 91 -6.82 -11.84 11.34
N MET A 92 -7.55 -11.47 12.39
CA MET A 92 -8.89 -10.91 12.24
C MET A 92 -8.92 -9.69 11.33
N VAL A 93 -9.94 -9.65 10.48
CA VAL A 93 -10.17 -8.55 9.56
C VAL A 93 -10.34 -7.25 10.33
N VAL A 94 -9.85 -6.17 9.75
CA VAL A 94 -9.97 -4.86 10.35
C VAL A 94 -10.73 -3.94 9.41
N LYS A 95 -11.46 -2.99 9.96
CA LYS A 95 -12.21 -2.04 9.15
C LYS A 95 -11.33 -0.86 8.78
N ARG A 96 -11.31 -0.53 7.50
CA ARG A 96 -10.39 0.46 6.96
C ARG A 96 -11.08 1.31 5.90
N GLN A 97 -10.45 2.41 5.53
CA GLN A 97 -10.94 3.25 4.45
C GLN A 97 -10.03 3.12 3.24
N ASP A 98 -10.62 2.91 2.08
CA ASP A 98 -9.84 2.77 0.85
C ASP A 98 -9.80 4.10 0.16
N LYS A 99 -8.70 4.80 0.34
CA LYS A 99 -8.56 6.11 -0.27
C LYS A 99 -7.91 5.96 -1.64
N THR A 100 -8.66 6.27 -2.67
CA THR A 100 -8.20 6.14 -4.03
C THR A 100 -7.55 7.43 -4.52
N PHE A 101 -6.30 7.33 -4.94
CA PHE A 101 -5.59 8.46 -5.50
C PHE A 101 -4.48 7.97 -6.41
N THR A 102 -3.72 8.90 -6.94
CA THR A 102 -2.61 8.54 -7.79
C THR A 102 -1.35 9.25 -7.34
N PHE A 103 -0.31 8.46 -7.13
CA PHE A 103 1.00 8.97 -6.84
C PHE A 103 1.80 8.98 -8.11
N THR A 104 2.02 10.15 -8.67
CA THR A 104 2.77 10.23 -9.89
C THR A 104 4.15 10.80 -9.62
N HIS A 105 5.12 9.91 -9.51
CA HIS A 105 6.49 10.32 -9.30
C HIS A 105 7.24 10.13 -10.61
N GLY A 106 8.19 11.00 -10.88
CA GLY A 106 8.67 11.17 -12.24
C GLY A 106 9.52 10.02 -12.74
N ASP A 107 8.86 9.15 -13.50
CA ASP A 107 9.45 8.00 -14.20
C ASP A 107 8.38 6.95 -14.36
N LEU A 108 7.43 6.99 -13.43
CA LEU A 108 6.42 5.95 -13.32
C LEU A 108 5.03 6.55 -13.08
N GLU A 109 4.00 5.76 -13.33
CA GLU A 109 2.64 6.16 -13.00
C GLU A 109 1.86 4.93 -12.57
N PHE A 110 1.18 5.02 -11.45
CA PHE A 110 0.50 3.86 -10.89
C PHE A 110 -0.59 4.27 -9.90
N GLU A 111 -1.62 3.46 -9.82
CA GLU A 111 -2.78 3.74 -8.99
C GLU A 111 -2.54 3.29 -7.56
N VAL A 112 -2.29 4.24 -6.69
CA VAL A 112 -1.99 3.96 -5.30
C VAL A 112 -3.20 4.21 -4.44
N HIS A 113 -3.32 3.42 -3.41
CA HIS A 113 -4.51 3.38 -2.61
C HIS A 113 -4.17 3.40 -1.13
N TRP A 114 -4.91 4.17 -0.34
CA TRP A 114 -4.73 4.11 1.09
C TRP A 114 -5.57 2.99 1.65
N ILE A 115 -4.88 2.07 2.26
CA ILE A 115 -5.45 0.85 2.76
C ILE A 115 -5.19 0.78 4.26
N ASN A 116 -5.54 1.89 4.91
CA ASN A 116 -5.23 2.12 6.32
C ASN A 116 -5.83 1.06 7.24
N LEU A 117 -5.01 0.10 7.66
CA LEU A 117 -5.45 -0.89 8.63
C LEU A 117 -5.39 -0.28 10.04
N MET A 1 -0.95 -3.19 -15.75
CA MET A 1 -0.18 -2.02 -15.25
C MET A 1 0.03 -2.14 -13.75
N ILE A 2 0.72 -1.16 -13.17
CA ILE A 2 1.01 -1.13 -11.76
C ILE A 2 -0.03 -0.26 -11.02
N LYS A 3 -0.48 -0.77 -9.87
CA LYS A 3 -1.45 -0.10 -9.02
C LYS A 3 -1.17 -0.47 -7.56
N ALA A 4 -0.94 0.53 -6.73
CA ALA A 4 -0.40 0.30 -5.39
C ALA A 4 -1.45 0.44 -4.31
N ALA A 5 -1.07 0.01 -3.11
CA ALA A 5 -1.82 0.29 -1.91
C ALA A 5 -0.84 0.72 -0.82
N VAL A 6 -1.34 1.37 0.21
CA VAL A 6 -0.47 1.85 1.26
C VAL A 6 -1.24 2.02 2.56
N THR A 7 -0.52 2.00 3.66
CA THR A 7 -1.12 2.17 4.96
C THR A 7 -0.19 2.96 5.87
N LYS A 8 -0.71 4.01 6.44
CA LYS A 8 0.07 4.89 7.30
C LYS A 8 -0.32 4.71 8.74
N GLU A 9 0.67 4.80 9.62
CA GLU A 9 0.45 4.70 11.04
C GLU A 9 -0.48 3.55 11.38
N SER A 10 -0.24 2.41 10.72
CA SER A 10 -1.07 1.24 10.88
C SER A 10 -1.12 0.83 12.34
N LEU A 11 -2.32 0.84 12.91
CA LEU A 11 -2.51 0.51 14.31
C LEU A 11 -2.24 -0.96 14.52
N TYR A 12 -2.35 -1.72 13.44
CA TYR A 12 -2.15 -3.13 13.47
C TYR A 12 -0.68 -3.49 13.46
N ARG A 13 0.16 -2.52 13.07
CA ARG A 13 1.60 -2.73 12.90
C ARG A 13 1.82 -3.57 11.64
N MET A 14 3.07 -3.68 11.16
CA MET A 14 3.30 -4.47 9.96
C MET A 14 2.78 -5.89 10.14
N ASN A 15 3.42 -6.67 11.01
CA ASN A 15 3.00 -8.05 11.28
C ASN A 15 2.59 -8.79 10.00
N THR A 16 3.22 -8.40 8.90
CA THR A 16 2.95 -8.95 7.58
C THR A 16 1.72 -8.29 6.98
N LEU A 17 1.72 -6.96 7.05
CA LEU A 17 0.70 -6.13 6.43
C LEU A 17 0.65 -6.40 4.93
N MET A 18 1.77 -6.91 4.40
CA MET A 18 1.86 -7.28 2.99
C MET A 18 0.85 -8.38 2.69
N GLU A 19 0.63 -9.25 3.68
CA GLU A 19 -0.31 -10.36 3.53
C GLU A 19 -1.73 -9.93 3.89
N ALA A 20 -1.86 -8.77 4.52
CA ALA A 20 -3.16 -8.21 4.81
C ALA A 20 -3.88 -7.91 3.51
N PHE A 21 -3.28 -7.05 2.69
CA PHE A 21 -3.85 -6.76 1.40
C PHE A 21 -3.56 -7.93 0.48
N GLN A 22 -2.34 -8.47 0.61
CA GLN A 22 -1.87 -9.62 -0.17
C GLN A 22 -2.40 -9.56 -1.60
N GLY A 23 -2.13 -8.44 -2.26
CA GLY A 23 -2.59 -8.29 -3.61
C GLY A 23 -4.01 -7.79 -3.70
N PHE A 24 -4.41 -6.95 -2.75
CA PHE A 24 -5.74 -6.32 -2.79
C PHE A 24 -5.80 -5.29 -3.90
N LEU A 25 -5.74 -5.81 -5.12
CA LEU A 25 -5.59 -5.03 -6.34
C LEU A 25 -5.24 -5.97 -7.49
N GLY A 26 -4.52 -7.05 -7.16
CA GLY A 26 -4.33 -8.12 -8.12
C GLY A 26 -2.97 -8.80 -8.07
N LEU A 27 -2.62 -9.39 -6.93
CA LEU A 27 -1.38 -10.12 -6.82
C LEU A 27 -1.60 -11.48 -6.16
N ASP A 28 -1.12 -12.55 -6.80
CA ASP A 28 -1.26 -13.90 -6.27
C ASP A 28 -0.12 -14.19 -5.31
N LEU A 29 1.06 -14.39 -5.86
CA LEU A 29 2.26 -14.56 -5.06
C LEU A 29 3.49 -14.12 -5.81
N GLY A 30 4.41 -13.48 -5.09
CA GLY A 30 5.60 -12.96 -5.72
C GLY A 30 5.37 -11.66 -6.42
N GLU A 31 4.17 -11.49 -6.94
CA GLU A 31 3.80 -10.28 -7.64
C GLU A 31 3.71 -9.11 -6.68
N PHE A 32 3.66 -9.40 -5.39
CA PHE A 32 3.51 -8.33 -4.42
C PHE A 32 4.83 -7.97 -3.77
N THR A 33 5.01 -6.66 -3.64
CA THR A 33 6.20 -6.08 -3.06
C THR A 33 5.79 -5.09 -1.98
N PHE A 34 6.44 -5.13 -0.82
CA PHE A 34 6.01 -4.29 0.30
C PHE A 34 7.22 -3.82 1.10
N LYS A 35 7.17 -2.55 1.47
CA LYS A 35 8.25 -1.92 2.23
C LYS A 35 7.72 -1.55 3.62
N VAL A 36 8.43 -1.98 4.65
CA VAL A 36 8.05 -1.65 6.01
C VAL A 36 8.88 -0.47 6.52
N LYS A 37 8.20 0.59 6.90
CA LYS A 37 8.84 1.79 7.39
C LYS A 37 8.06 2.37 8.56
N PRO A 38 8.70 3.20 9.40
CA PRO A 38 8.03 3.80 10.55
C PRO A 38 6.87 4.69 10.13
N GLY A 39 5.68 4.34 10.58
CA GLY A 39 4.51 5.15 10.36
C GLY A 39 4.02 5.15 8.94
N VAL A 40 4.75 4.50 8.04
CA VAL A 40 4.35 4.42 6.65
C VAL A 40 4.73 3.07 6.05
N PHE A 41 3.74 2.38 5.51
CA PHE A 41 3.91 1.03 5.03
C PHE A 41 3.42 0.92 3.59
N LEU A 42 4.22 0.33 2.72
CA LEU A 42 3.96 0.32 1.29
C LEU A 42 3.68 -1.08 0.75
N LEU A 43 2.53 -1.27 0.10
CA LEU A 43 2.24 -2.56 -0.55
C LEU A 43 1.97 -2.30 -2.03
N THR A 44 2.85 -2.75 -2.87
CA THR A 44 2.72 -2.52 -4.28
C THR A 44 2.57 -3.81 -5.05
N ASP A 45 2.48 -3.66 -6.35
CA ASP A 45 2.17 -4.75 -7.25
C ASP A 45 3.27 -4.86 -8.29
N VAL A 46 4.37 -4.18 -8.03
CA VAL A 46 5.52 -4.23 -8.91
C VAL A 46 6.13 -5.62 -8.82
N LYS A 47 6.35 -6.23 -9.97
CA LYS A 47 6.91 -7.57 -10.00
C LYS A 47 8.02 -7.62 -11.01
N SER A 48 7.59 -7.62 -12.25
CA SER A 48 8.45 -7.73 -13.38
C SER A 48 8.76 -6.34 -13.91
N TYR A 49 8.66 -5.37 -13.02
CA TYR A 49 8.77 -3.97 -13.36
C TYR A 49 9.49 -3.23 -12.24
N LEU A 50 10.59 -2.58 -12.57
CA LEU A 50 11.32 -1.79 -11.60
C LEU A 50 11.54 -0.37 -12.15
N ILE A 51 11.60 0.64 -11.28
CA ILE A 51 11.79 2.02 -11.71
C ILE A 51 13.24 2.29 -12.08
N GLY A 52 14.07 2.52 -11.05
CA GLY A 52 15.48 2.76 -11.30
C GLY A 52 16.38 1.85 -10.49
N ASP A 53 15.81 1.11 -9.55
CA ASP A 53 16.60 0.22 -8.69
C ASP A 53 15.65 -0.66 -7.88
N LYS A 54 14.92 -1.48 -8.61
CA LYS A 54 13.93 -2.43 -8.06
C LYS A 54 12.79 -1.76 -7.28
N TYR A 55 12.98 -0.54 -6.81
CA TYR A 55 11.97 0.17 -6.04
C TYR A 55 12.17 1.69 -6.12
N ASP A 56 13.43 2.10 -6.23
CA ASP A 56 13.81 3.52 -6.24
C ASP A 56 12.86 4.40 -7.04
N ASP A 57 12.36 5.45 -6.39
CA ASP A 57 11.55 6.52 -7.02
C ASP A 57 10.04 6.30 -6.94
N ALA A 58 9.58 5.34 -6.15
CA ALA A 58 8.14 5.21 -5.86
C ALA A 58 7.90 4.14 -4.86
N PHE A 59 8.54 3.04 -5.06
CA PHE A 59 8.33 1.85 -4.27
C PHE A 59 9.18 1.92 -3.02
N ASN A 60 9.03 3.06 -2.33
CA ASN A 60 9.93 3.60 -1.30
C ASN A 60 10.18 5.08 -1.52
N ALA A 61 9.40 5.67 -2.41
CA ALA A 61 9.26 7.12 -2.48
C ALA A 61 7.81 7.46 -2.16
N LEU A 62 6.96 6.47 -2.42
CA LEU A 62 5.58 6.46 -1.97
C LEU A 62 5.55 6.63 -0.44
N ILE A 63 6.60 6.12 0.19
CA ILE A 63 6.77 6.25 1.63
C ILE A 63 6.75 7.72 2.03
N ASP A 64 7.50 8.53 1.28
CA ASP A 64 7.53 9.96 1.45
C ASP A 64 6.17 10.56 1.19
N PHE A 65 5.58 10.14 0.09
CA PHE A 65 4.22 10.53 -0.27
C PHE A 65 3.30 10.46 0.95
N VAL A 66 3.08 9.26 1.46
CA VAL A 66 2.21 9.06 2.61
C VAL A 66 2.68 9.89 3.80
N LEU A 67 3.96 10.16 3.83
CA LEU A 67 4.59 10.81 4.96
C LEU A 67 4.51 12.34 4.89
N ARG A 68 4.41 12.89 3.70
CA ARG A 68 4.20 14.33 3.56
C ARG A 68 2.71 14.62 3.55
N ASN A 69 1.95 13.58 3.24
CA ASN A 69 0.52 13.61 3.33
C ASN A 69 0.11 12.94 4.64
N ASP A 70 -1.15 12.58 4.74
CA ASP A 70 -1.60 11.76 5.86
C ASP A 70 -2.93 11.14 5.48
N ARG A 71 -3.40 10.21 6.31
CA ARG A 71 -4.62 9.50 6.02
C ARG A 71 -5.78 10.48 6.02
N ASP A 72 -6.60 10.45 4.97
CA ASP A 72 -7.74 11.37 4.82
C ASP A 72 -7.29 12.77 4.40
N ALA A 73 -6.09 13.14 4.82
CA ALA A 73 -5.51 14.46 4.50
C ALA A 73 -5.08 14.52 3.03
N VAL A 74 -5.50 13.52 2.27
CA VAL A 74 -5.22 13.46 0.84
C VAL A 74 -6.45 13.88 0.03
N GLU A 75 -6.22 14.30 -1.20
CA GLU A 75 -7.29 14.65 -2.11
C GLU A 75 -7.59 13.46 -3.02
N GLY A 76 -8.26 12.46 -2.46
CA GLY A 76 -8.50 11.25 -3.21
C GLY A 76 -9.96 10.85 -3.25
N THR A 77 -10.19 9.56 -3.37
CA THR A 77 -11.53 9.01 -3.46
C THR A 77 -11.66 7.83 -2.52
N GLU A 78 -12.36 8.04 -1.41
CA GLU A 78 -12.44 7.05 -0.38
C GLU A 78 -13.64 6.12 -0.54
N THR A 79 -13.41 4.84 -0.31
CA THR A 79 -14.42 3.81 -0.43
C THR A 79 -14.34 2.85 0.75
N ASP A 80 -15.47 2.37 1.24
CA ASP A 80 -15.47 1.43 2.36
C ASP A 80 -15.09 0.03 1.88
N VAL A 81 -13.85 -0.35 2.13
CA VAL A 81 -13.37 -1.69 1.81
C VAL A 81 -13.00 -2.40 3.12
N SER A 82 -12.74 -3.70 3.06
CA SER A 82 -12.35 -4.41 4.25
C SER A 82 -11.26 -5.43 3.94
N ILE A 83 -10.25 -5.49 4.81
CA ILE A 83 -9.08 -6.32 4.56
C ILE A 83 -8.91 -7.42 5.61
N ARG A 84 -8.50 -8.59 5.14
CA ARG A 84 -8.13 -9.70 5.99
C ARG A 84 -6.69 -9.51 6.47
N LEU A 85 -6.50 -9.60 7.78
CA LEU A 85 -5.24 -9.19 8.39
C LEU A 85 -4.13 -10.25 8.33
N GLY A 86 -3.70 -10.55 7.11
CA GLY A 86 -2.54 -11.42 6.91
C GLY A 86 -2.89 -12.86 7.18
N LEU A 87 -2.23 -13.81 6.50
CA LEU A 87 -2.58 -15.20 6.72
C LEU A 87 -2.25 -15.55 8.16
N SER A 88 -3.29 -15.51 8.98
CA SER A 88 -3.17 -15.66 10.41
C SER A 88 -4.23 -16.61 10.95
N PRO A 89 -4.11 -16.99 12.22
CA PRO A 89 -5.25 -17.50 12.98
C PRO A 89 -6.12 -16.34 13.47
N SER A 90 -5.55 -15.14 13.40
CA SER A 90 -6.23 -13.91 13.78
C SER A 90 -6.50 -13.03 12.56
N ASP A 91 -6.71 -13.66 11.42
CA ASP A 91 -6.93 -12.97 10.15
C ASP A 91 -8.37 -12.42 10.06
N MET A 92 -8.85 -11.90 11.19
CA MET A 92 -10.17 -11.28 11.25
C MET A 92 -10.20 -10.01 10.42
N VAL A 93 -10.98 -10.06 9.34
CA VAL A 93 -11.15 -8.93 8.42
C VAL A 93 -11.61 -7.67 9.15
N VAL A 94 -10.99 -6.57 8.77
CA VAL A 94 -11.22 -5.27 9.39
C VAL A 94 -11.72 -4.28 8.34
N LYS A 95 -12.55 -3.31 8.75
CA LYS A 95 -13.12 -2.33 7.82
C LYS A 95 -12.17 -1.18 7.59
N ARG A 96 -11.82 -0.98 6.34
CA ARG A 96 -10.80 -0.02 5.94
C ARG A 96 -11.40 1.03 5.02
N GLN A 97 -10.84 2.22 5.03
CA GLN A 97 -11.31 3.27 4.15
C GLN A 97 -10.36 3.40 2.99
N ASP A 98 -10.77 2.90 1.85
CA ASP A 98 -9.92 2.87 0.67
C ASP A 98 -9.84 4.24 0.07
N LYS A 99 -8.77 4.94 0.39
CA LYS A 99 -8.57 6.26 -0.17
C LYS A 99 -7.82 6.12 -1.48
N THR A 100 -8.52 6.27 -2.56
CA THR A 100 -7.93 6.14 -3.87
C THR A 100 -7.29 7.44 -4.33
N PHE A 101 -6.10 7.34 -4.90
CA PHE A 101 -5.39 8.49 -5.44
C PHE A 101 -4.23 7.98 -6.26
N THR A 102 -3.47 8.89 -6.79
CA THR A 102 -2.32 8.53 -7.58
C THR A 102 -1.07 9.19 -7.07
N PHE A 103 -0.06 8.37 -6.85
CA PHE A 103 1.25 8.88 -6.53
C PHE A 103 2.09 8.92 -7.81
N THR A 104 2.20 10.08 -8.39
CA THR A 104 2.99 10.19 -9.60
C THR A 104 4.36 10.77 -9.29
N HIS A 105 5.34 9.88 -9.21
CA HIS A 105 6.72 10.29 -9.09
C HIS A 105 7.35 10.03 -10.46
N GLY A 106 8.27 10.88 -10.88
CA GLY A 106 8.55 10.98 -12.30
C GLY A 106 9.32 9.82 -12.89
N ASP A 107 8.55 8.93 -13.53
CA ASP A 107 9.05 7.77 -14.27
C ASP A 107 7.95 6.73 -14.29
N LEU A 108 7.04 6.84 -13.34
CA LEU A 108 6.01 5.84 -13.13
C LEU A 108 4.64 6.47 -12.89
N GLU A 109 3.61 5.65 -13.07
CA GLU A 109 2.26 6.01 -12.68
C GLU A 109 1.53 4.77 -12.17
N PHE A 110 0.82 4.90 -11.08
CA PHE A 110 0.08 3.78 -10.51
C PHE A 110 -1.04 4.27 -9.60
N GLU A 111 -2.14 3.54 -9.60
CA GLU A 111 -3.31 3.91 -8.81
C GLU A 111 -3.11 3.44 -7.38
N VAL A 112 -2.84 4.39 -6.52
CA VAL A 112 -2.50 4.12 -5.14
C VAL A 112 -3.74 4.15 -4.27
N HIS A 113 -3.73 3.29 -3.27
CA HIS A 113 -4.89 3.07 -2.45
C HIS A 113 -4.51 3.08 -0.98
N TRP A 114 -5.05 4.01 -0.23
CA TRP A 114 -4.72 4.09 1.18
C TRP A 114 -5.58 3.13 1.96
N ILE A 115 -5.07 1.92 2.14
CA ILE A 115 -5.77 0.90 2.88
C ILE A 115 -5.32 0.97 4.33
N ASN A 116 -5.84 1.93 5.03
CA ASN A 116 -5.42 2.20 6.38
C ASN A 116 -5.88 1.11 7.35
N LEU A 117 -5.01 0.14 7.60
CA LEU A 117 -5.24 -0.86 8.65
C LEU A 117 -4.93 -0.22 10.00
N MET A 1 0.29 -0.71 -15.79
CA MET A 1 0.06 -2.11 -15.34
C MET A 1 0.27 -2.26 -13.83
N ILE A 2 1.06 -1.36 -13.27
CA ILE A 2 1.37 -1.41 -11.85
C ILE A 2 0.46 -0.47 -11.06
N LYS A 3 0.07 -0.94 -9.90
CA LYS A 3 -0.67 -0.14 -8.95
C LYS A 3 -0.16 -0.45 -7.54
N ALA A 4 -0.52 0.38 -6.58
CA ALA A 4 -0.02 0.22 -5.22
C ALA A 4 -1.15 0.42 -4.22
N ALA A 5 -0.89 0.01 -3.00
CA ALA A 5 -1.85 0.13 -1.92
C ALA A 5 -1.09 0.26 -0.60
N VAL A 6 -1.51 1.16 0.27
CA VAL A 6 -0.70 1.48 1.44
C VAL A 6 -1.48 1.50 2.74
N THR A 7 -0.74 1.69 3.81
CA THR A 7 -1.32 1.91 5.13
C THR A 7 -0.34 2.76 5.95
N LYS A 8 -0.85 3.74 6.68
CA LYS A 8 0.01 4.64 7.44
C LYS A 8 -0.22 4.55 8.93
N GLU A 9 0.86 4.42 9.67
CA GLU A 9 0.81 4.49 11.13
C GLU A 9 -0.20 3.47 11.68
N SER A 10 -0.37 2.36 10.98
CA SER A 10 -1.39 1.37 11.31
C SER A 10 -1.21 0.85 12.74
N LEU A 11 -2.34 0.64 13.42
CA LEU A 11 -2.34 0.15 14.79
C LEU A 11 -1.80 -1.26 14.87
N TYR A 12 -1.78 -1.92 13.72
CA TYR A 12 -1.30 -3.28 13.63
C TYR A 12 0.22 -3.29 13.45
N ARG A 13 0.80 -2.10 13.37
CA ARG A 13 2.24 -1.93 13.18
C ARG A 13 2.53 -2.33 11.75
N MET A 14 3.40 -3.31 11.53
CA MET A 14 3.42 -4.01 10.25
C MET A 14 2.77 -5.38 10.43
N ASN A 15 3.42 -6.25 11.20
CA ASN A 15 2.89 -7.60 11.46
C ASN A 15 2.40 -8.31 10.20
N THR A 16 2.96 -7.90 9.07
CA THR A 16 2.70 -8.50 7.77
C THR A 16 1.45 -7.88 7.18
N LEU A 17 1.44 -6.55 7.21
CA LEU A 17 0.44 -5.75 6.56
C LEU A 17 0.46 -6.03 5.05
N MET A 18 1.59 -6.54 4.60
CA MET A 18 1.77 -7.00 3.23
C MET A 18 0.71 -8.04 2.88
N GLU A 19 0.52 -9.00 3.77
CA GLU A 19 -0.39 -10.10 3.53
C GLU A 19 -1.83 -9.72 3.81
N ALA A 20 -2.03 -8.56 4.42
CA ALA A 20 -3.37 -8.04 4.64
C ALA A 20 -4.05 -7.79 3.32
N PHE A 21 -3.45 -6.92 2.51
CA PHE A 21 -4.00 -6.62 1.21
C PHE A 21 -3.57 -7.71 0.23
N GLN A 22 -2.32 -8.16 0.38
CA GLN A 22 -1.72 -9.18 -0.48
C GLN A 22 -2.12 -9.00 -1.93
N GLY A 23 -1.83 -7.83 -2.47
CA GLY A 23 -2.14 -7.57 -3.85
C GLY A 23 -3.61 -7.50 -4.12
N PHE A 24 -4.35 -6.96 -3.16
CA PHE A 24 -5.77 -6.70 -3.33
C PHE A 24 -5.94 -5.60 -4.36
N LEU A 25 -5.68 -5.99 -5.61
CA LEU A 25 -5.52 -5.08 -6.72
C LEU A 25 -5.11 -5.89 -7.93
N GLY A 26 -4.44 -7.00 -7.67
CA GLY A 26 -4.13 -7.95 -8.73
C GLY A 26 -2.80 -8.67 -8.56
N LEU A 27 -2.50 -9.19 -7.37
CA LEU A 27 -1.35 -10.05 -7.19
C LEU A 27 -1.77 -11.34 -6.52
N ASP A 28 -1.33 -12.46 -7.08
CA ASP A 28 -1.74 -13.76 -6.59
C ASP A 28 -0.82 -14.22 -5.48
N LEU A 29 0.45 -14.32 -5.81
CA LEU A 29 1.46 -14.66 -4.83
C LEU A 29 2.84 -14.41 -5.41
N GLY A 30 3.73 -13.86 -4.59
CA GLY A 30 5.06 -13.50 -5.07
C GLY A 30 5.07 -12.22 -5.86
N GLU A 31 4.00 -12.00 -6.60
CA GLU A 31 3.83 -10.80 -7.39
C GLU A 31 3.83 -9.55 -6.53
N PHE A 32 3.65 -9.72 -5.23
CA PHE A 32 3.48 -8.57 -4.35
C PHE A 32 4.75 -8.21 -3.61
N THR A 33 4.91 -6.92 -3.43
CA THR A 33 6.08 -6.34 -2.81
C THR A 33 5.65 -5.31 -1.78
N PHE A 34 6.36 -5.20 -0.66
CA PHE A 34 5.92 -4.32 0.42
C PHE A 34 7.12 -3.80 1.20
N LYS A 35 7.11 -2.51 1.46
CA LYS A 35 8.17 -1.86 2.20
C LYS A 35 7.67 -1.42 3.56
N VAL A 36 8.38 -1.81 4.60
CA VAL A 36 8.01 -1.45 5.95
C VAL A 36 8.83 -0.28 6.44
N LYS A 37 8.15 0.79 6.78
CA LYS A 37 8.78 2.01 7.27
C LYS A 37 7.89 2.57 8.39
N PRO A 38 8.44 2.84 9.58
CA PRO A 38 7.63 3.32 10.71
C PRO A 38 6.75 4.50 10.34
N GLY A 39 5.44 4.32 10.50
CA GLY A 39 4.49 5.38 10.21
C GLY A 39 4.11 5.47 8.74
N VAL A 40 4.70 4.63 7.90
CA VAL A 40 4.34 4.57 6.49
C VAL A 40 4.68 3.21 5.89
N PHE A 41 3.66 2.51 5.45
CA PHE A 41 3.83 1.15 4.97
C PHE A 41 3.33 1.02 3.53
N LEU A 42 4.20 0.52 2.67
CA LEU A 42 3.94 0.47 1.24
C LEU A 42 3.72 -0.95 0.75
N LEU A 43 2.58 -1.18 0.12
CA LEU A 43 2.32 -2.46 -0.56
C LEU A 43 2.16 -2.19 -2.05
N THR A 44 3.08 -2.69 -2.85
CA THR A 44 3.03 -2.45 -4.28
C THR A 44 2.93 -3.74 -5.07
N ASP A 45 2.47 -3.62 -6.30
CA ASP A 45 2.24 -4.76 -7.15
C ASP A 45 3.40 -4.94 -8.15
N VAL A 46 4.50 -4.25 -7.86
CA VAL A 46 5.68 -4.26 -8.71
C VAL A 46 6.42 -5.60 -8.67
N LYS A 47 5.91 -6.57 -9.41
CA LYS A 47 6.54 -7.88 -9.46
C LYS A 47 7.83 -7.80 -10.21
N SER A 48 7.68 -7.68 -11.51
CA SER A 48 8.77 -7.66 -12.43
C SER A 48 9.05 -6.23 -12.86
N TYR A 49 8.68 -5.30 -12.00
CA TYR A 49 8.70 -3.89 -12.34
C TYR A 49 9.48 -3.08 -11.33
N LEU A 50 10.53 -2.40 -11.80
CA LEU A 50 11.22 -1.40 -11.00
C LEU A 50 11.34 -0.12 -11.82
N ILE A 51 11.17 1.04 -11.19
CA ILE A 51 11.35 2.31 -11.89
C ILE A 51 12.69 2.35 -12.62
N GLY A 52 13.77 2.43 -11.86
CA GLY A 52 15.09 2.48 -12.44
C GLY A 52 16.13 1.75 -11.62
N ASP A 53 15.99 1.81 -10.30
CA ASP A 53 16.99 1.21 -9.40
C ASP A 53 16.35 0.51 -8.22
N LYS A 54 15.68 -0.61 -8.50
CA LYS A 54 15.15 -1.48 -7.45
C LYS A 54 14.27 -0.74 -6.43
N TYR A 55 13.12 -0.25 -6.90
CA TYR A 55 12.09 0.42 -6.07
C TYR A 55 12.32 1.93 -6.04
N ASP A 56 13.50 2.33 -6.47
CA ASP A 56 13.91 3.72 -6.46
C ASP A 56 12.97 4.60 -7.27
N ASP A 57 12.43 5.65 -6.64
CA ASP A 57 11.55 6.66 -7.26
C ASP A 57 10.07 6.37 -7.06
N ALA A 58 9.72 5.35 -6.30
CA ALA A 58 8.31 5.10 -6.03
C ALA A 58 8.11 4.12 -4.90
N PHE A 59 8.83 3.07 -4.98
CA PHE A 59 8.59 1.91 -4.15
C PHE A 59 9.43 1.99 -2.88
N ASN A 60 9.27 3.15 -2.22
CA ASN A 60 10.16 3.74 -1.20
C ASN A 60 10.34 5.24 -1.49
N ALA A 61 9.57 5.72 -2.46
CA ALA A 61 9.36 7.16 -2.64
C ALA A 61 7.92 7.46 -2.28
N LEU A 62 7.07 6.49 -2.58
CA LEU A 62 5.69 6.50 -2.19
C LEU A 62 5.61 6.50 -0.66
N ILE A 63 6.62 5.89 -0.05
CA ILE A 63 6.81 5.91 1.39
C ILE A 63 6.85 7.36 1.87
N ASP A 64 7.51 8.20 1.09
CA ASP A 64 7.60 9.62 1.39
C ASP A 64 6.27 10.28 1.19
N PHE A 65 5.65 9.94 0.06
CA PHE A 65 4.29 10.39 -0.25
C PHE A 65 3.34 10.16 0.95
N VAL A 66 3.18 8.92 1.39
CA VAL A 66 2.32 8.64 2.53
C VAL A 66 2.84 9.34 3.79
N LEU A 67 4.13 9.62 3.81
CA LEU A 67 4.77 10.24 4.95
C LEU A 67 4.57 11.76 4.96
N ARG A 68 4.39 12.34 3.78
CA ARG A 68 4.16 13.77 3.68
C ARG A 68 2.67 14.04 3.71
N ASN A 69 1.91 13.04 3.31
CA ASN A 69 0.48 13.07 3.41
C ASN A 69 0.03 12.32 4.64
N ASP A 70 -1.26 12.08 4.73
CA ASP A 70 -1.84 11.29 5.80
C ASP A 70 -3.22 10.88 5.36
N ARG A 71 -3.77 9.83 5.94
CA ARG A 71 -5.12 9.42 5.61
C ARG A 71 -6.07 10.54 6.03
N ASP A 72 -7.11 10.77 5.23
CA ASP A 72 -7.98 11.95 5.38
C ASP A 72 -7.32 13.21 4.85
N ALA A 73 -6.05 13.37 5.20
CA ALA A 73 -5.27 14.54 4.79
C ALA A 73 -5.05 14.54 3.27
N VAL A 74 -5.23 13.38 2.66
CA VAL A 74 -5.10 13.23 1.22
C VAL A 74 -6.33 13.72 0.48
N GLU A 75 -6.15 14.02 -0.79
CA GLU A 75 -7.25 14.49 -1.62
C GLU A 75 -7.59 13.46 -2.68
N GLY A 76 -8.29 12.41 -2.27
CA GLY A 76 -8.65 11.33 -3.17
C GLY A 76 -10.09 10.92 -3.03
N THR A 77 -10.33 9.63 -3.11
CA THR A 77 -11.68 9.08 -3.00
C THR A 77 -11.70 8.09 -1.84
N GLU A 78 -12.83 7.94 -1.17
CA GLU A 78 -12.89 7.04 -0.03
C GLU A 78 -14.05 6.06 -0.10
N THR A 79 -13.78 4.80 0.21
CA THR A 79 -14.81 3.77 0.26
C THR A 79 -14.66 2.92 1.54
N ASP A 80 -15.75 2.74 2.27
CA ASP A 80 -15.73 1.94 3.49
C ASP A 80 -15.58 0.45 3.17
N VAL A 81 -14.43 -0.12 3.51
CA VAL A 81 -14.14 -1.52 3.22
C VAL A 81 -13.46 -2.22 4.39
N SER A 82 -13.25 -3.50 4.22
CA SER A 82 -12.64 -4.30 5.27
C SER A 82 -11.65 -5.32 4.67
N ILE A 83 -10.50 -5.46 5.31
CA ILE A 83 -9.44 -6.35 4.83
C ILE A 83 -9.01 -7.34 5.91
N ARG A 84 -8.60 -8.53 5.49
CA ARG A 84 -8.06 -9.53 6.40
C ARG A 84 -6.60 -9.23 6.70
N LEU A 85 -6.27 -9.28 7.97
CA LEU A 85 -4.92 -9.10 8.40
C LEU A 85 -4.13 -10.37 8.13
N GLY A 86 -3.20 -10.29 7.20
CA GLY A 86 -2.29 -11.39 6.97
C GLY A 86 -1.39 -11.63 8.17
N LEU A 87 -1.95 -12.33 9.11
CA LEU A 87 -1.34 -12.48 10.42
C LEU A 87 -1.76 -13.83 11.04
N SER A 88 -1.23 -14.10 12.22
CA SER A 88 -1.50 -15.33 12.97
C SER A 88 -3.00 -15.40 13.34
N PRO A 89 -3.49 -16.50 13.98
CA PRO A 89 -4.93 -16.70 14.24
C PRO A 89 -5.71 -15.46 14.71
N SER A 90 -5.05 -14.53 15.40
CA SER A 90 -5.69 -13.29 15.83
C SER A 90 -5.66 -12.24 14.71
N ASP A 91 -5.68 -12.70 13.47
CA ASP A 91 -5.54 -11.84 12.30
C ASP A 91 -6.88 -11.23 11.89
N MET A 92 -7.70 -10.91 12.88
CA MET A 92 -9.06 -10.40 12.67
C MET A 92 -9.09 -9.28 11.62
N VAL A 93 -10.00 -9.43 10.66
CA VAL A 93 -10.23 -8.44 9.63
C VAL A 93 -10.48 -7.08 10.26
N VAL A 94 -10.04 -6.03 9.59
CA VAL A 94 -10.19 -4.70 10.13
C VAL A 94 -11.05 -3.84 9.21
N LYS A 95 -11.77 -2.90 9.79
CA LYS A 95 -12.52 -1.93 9.02
C LYS A 95 -11.61 -0.79 8.63
N ARG A 96 -11.60 -0.49 7.35
CA ARG A 96 -10.67 0.48 6.79
C ARG A 96 -11.36 1.32 5.74
N GLN A 97 -10.81 2.49 5.48
CA GLN A 97 -11.34 3.36 4.45
C GLN A 97 -10.47 3.30 3.21
N ASP A 98 -11.02 2.80 2.13
CA ASP A 98 -10.28 2.67 0.90
C ASP A 98 -10.16 4.02 0.22
N LYS A 99 -9.01 4.64 0.38
CA LYS A 99 -8.78 5.91 -0.28
C LYS A 99 -8.16 5.65 -1.66
N THR A 100 -8.62 6.35 -2.66
CA THR A 100 -8.08 6.20 -4.00
C THR A 100 -7.45 7.50 -4.47
N PHE A 101 -6.26 7.39 -5.04
CA PHE A 101 -5.54 8.54 -5.60
C PHE A 101 -4.39 8.03 -6.43
N THR A 102 -3.62 8.93 -6.97
CA THR A 102 -2.50 8.54 -7.81
C THR A 102 -1.20 9.20 -7.36
N PHE A 103 -0.16 8.39 -7.30
CA PHE A 103 1.17 8.88 -7.01
C PHE A 103 1.98 8.90 -8.29
N THR A 104 2.28 10.09 -8.78
CA THR A 104 3.08 10.20 -9.97
C THR A 104 4.46 10.75 -9.64
N HIS A 105 5.42 9.85 -9.53
CA HIS A 105 6.80 10.23 -9.33
C HIS A 105 7.50 10.06 -10.68
N GLY A 106 8.50 10.88 -10.95
CA GLY A 106 8.90 11.09 -12.34
C GLY A 106 9.62 9.91 -12.96
N ASP A 107 8.84 9.14 -13.71
CA ASP A 107 9.29 7.99 -14.51
C ASP A 107 8.16 6.98 -14.57
N LEU A 108 7.36 6.97 -13.52
CA LEU A 108 6.34 5.95 -13.33
C LEU A 108 4.95 6.58 -13.13
N GLU A 109 3.92 5.79 -13.41
CA GLU A 109 2.55 6.22 -13.17
C GLU A 109 1.70 5.02 -12.77
N PHE A 110 1.03 5.10 -11.63
CA PHE A 110 0.29 3.96 -11.10
C PHE A 110 -0.77 4.39 -10.09
N GLU A 111 -1.82 3.59 -9.99
CA GLU A 111 -2.94 3.85 -9.09
C GLU A 111 -2.61 3.37 -7.69
N VAL A 112 -2.63 4.28 -6.74
CA VAL A 112 -2.32 3.95 -5.36
C VAL A 112 -3.52 4.19 -4.48
N HIS A 113 -3.59 3.39 -3.47
CA HIS A 113 -4.77 3.26 -2.66
C HIS A 113 -4.39 3.30 -1.20
N TRP A 114 -5.16 3.98 -0.38
CA TRP A 114 -4.88 4.01 1.03
C TRP A 114 -5.77 3.01 1.74
N ILE A 115 -5.11 2.00 2.24
CA ILE A 115 -5.73 0.85 2.82
C ILE A 115 -5.44 0.87 4.32
N ASN A 116 -5.84 1.97 4.92
CA ASN A 116 -5.55 2.25 6.31
C ASN A 116 -6.14 1.19 7.22
N LEU A 117 -5.30 0.25 7.65
CA LEU A 117 -5.73 -0.78 8.58
C LEU A 117 -5.74 -0.19 10.00
N MET A 1 0.00 -0.84 -15.69
CA MET A 1 0.01 -2.26 -15.23
C MET A 1 0.23 -2.34 -13.72
N ILE A 2 0.99 -1.40 -13.18
CA ILE A 2 1.31 -1.38 -11.76
C ILE A 2 0.36 -0.45 -11.01
N LYS A 3 -0.10 -0.88 -9.85
CA LYS A 3 -1.00 -0.11 -9.01
C LYS A 3 -0.76 -0.49 -7.56
N ALA A 4 -0.44 0.49 -6.74
CA ALA A 4 0.04 0.24 -5.39
C ALA A 4 -1.05 0.40 -4.35
N ALA A 5 -0.73 -0.08 -3.18
CA ALA A 5 -1.52 0.15 -2.00
C ALA A 5 -0.58 0.60 -0.87
N VAL A 6 -1.11 1.18 0.18
CA VAL A 6 -0.28 1.75 1.23
C VAL A 6 -1.06 1.89 2.53
N THR A 7 -0.36 1.91 3.63
CA THR A 7 -0.99 2.10 4.92
C THR A 7 -0.10 2.92 5.85
N LYS A 8 -0.71 3.84 6.58
CA LYS A 8 0.04 4.78 7.41
C LYS A 8 -0.27 4.58 8.88
N GLU A 9 0.79 4.66 9.69
CA GLU A 9 0.68 4.56 11.14
C GLU A 9 -0.26 3.45 11.56
N SER A 10 -0.18 2.34 10.84
CA SER A 10 -1.04 1.20 11.04
C SER A 10 -0.86 0.64 12.45
N LEU A 11 -1.94 0.63 13.21
CA LEU A 11 -1.92 0.27 14.63
C LEU A 11 -1.52 -1.19 14.80
N TYR A 12 -1.65 -1.94 13.73
CA TYR A 12 -1.39 -3.36 13.74
C TYR A 12 0.09 -3.65 13.58
N ARG A 13 0.85 -2.63 13.18
CA ARG A 13 2.26 -2.78 12.82
C ARG A 13 2.34 -3.60 11.55
N MET A 14 3.51 -3.71 10.94
CA MET A 14 3.64 -4.50 9.73
C MET A 14 3.12 -5.92 9.97
N ASN A 15 3.82 -6.71 10.79
CA ASN A 15 3.42 -8.12 11.05
C ASN A 15 2.99 -8.84 9.77
N THR A 16 3.56 -8.40 8.65
CA THR A 16 3.21 -8.88 7.33
C THR A 16 1.90 -8.25 6.90
N LEU A 17 1.91 -6.92 6.92
CA LEU A 17 0.79 -6.10 6.48
C LEU A 17 0.62 -6.29 4.99
N MET A 18 1.67 -6.79 4.35
CA MET A 18 1.59 -7.19 2.97
C MET A 18 0.52 -8.24 2.79
N GLU A 19 0.47 -9.18 3.73
CA GLU A 19 -0.46 -10.29 3.67
C GLU A 19 -1.85 -9.87 4.13
N ALA A 20 -1.95 -8.67 4.67
CA ALA A 20 -3.24 -8.08 5.00
C ALA A 20 -3.95 -7.71 3.71
N PHE A 21 -3.34 -6.84 2.94
CA PHE A 21 -3.94 -6.40 1.69
C PHE A 21 -3.78 -7.52 0.66
N GLN A 22 -2.61 -8.16 0.71
CA GLN A 22 -2.24 -9.31 -0.13
C GLN A 22 -2.92 -9.27 -1.48
N GLY A 23 -2.48 -8.36 -2.31
CA GLY A 23 -2.95 -8.33 -3.66
C GLY A 23 -4.36 -7.80 -3.80
N PHE A 24 -4.73 -6.88 -2.92
CA PHE A 24 -6.00 -6.18 -3.07
C PHE A 24 -5.89 -5.19 -4.22
N LEU A 25 -5.83 -5.76 -5.42
CA LEU A 25 -5.56 -5.04 -6.65
C LEU A 25 -5.24 -6.05 -7.74
N GLY A 26 -4.79 -7.23 -7.29
CA GLY A 26 -4.68 -8.37 -8.19
C GLY A 26 -3.35 -9.10 -8.08
N LEU A 27 -3.01 -9.59 -6.89
CA LEU A 27 -1.77 -10.30 -6.69
C LEU A 27 -2.00 -11.58 -5.91
N ASP A 28 -1.46 -12.69 -6.42
CA ASP A 28 -1.58 -13.97 -5.75
C ASP A 28 -0.32 -14.27 -4.95
N LEU A 29 0.72 -14.68 -5.63
CA LEU A 29 2.01 -14.91 -4.97
C LEU A 29 3.15 -14.53 -5.89
N GLY A 30 4.11 -13.80 -5.34
CA GLY A 30 5.18 -13.27 -6.14
C GLY A 30 4.76 -12.01 -6.88
N GLU A 31 3.48 -11.94 -7.15
CA GLU A 31 2.86 -10.80 -7.77
C GLU A 31 3.03 -9.55 -6.89
N PHE A 32 3.16 -9.80 -5.61
CA PHE A 32 3.17 -8.73 -4.62
C PHE A 32 4.58 -8.37 -4.13
N THR A 33 4.68 -7.15 -3.60
CA THR A 33 5.92 -6.58 -3.05
C THR A 33 5.54 -5.56 -1.98
N PHE A 34 6.28 -5.45 -0.89
CA PHE A 34 5.86 -4.56 0.21
C PHE A 34 7.05 -4.02 0.98
N LYS A 35 6.99 -2.72 1.29
CA LYS A 35 7.99 -2.03 2.08
C LYS A 35 7.39 -1.50 3.36
N VAL A 36 7.90 -1.93 4.50
CA VAL A 36 7.41 -1.45 5.77
C VAL A 36 8.37 -0.45 6.38
N LYS A 37 7.82 0.67 6.78
CA LYS A 37 8.56 1.76 7.36
C LYS A 37 7.77 2.31 8.55
N PRO A 38 8.42 2.92 9.52
CA PRO A 38 7.73 3.53 10.65
C PRO A 38 6.72 4.58 10.20
N GLY A 39 5.45 4.34 10.51
CA GLY A 39 4.42 5.30 10.20
C GLY A 39 3.93 5.22 8.76
N VAL A 40 4.61 4.46 7.93
CA VAL A 40 4.23 4.34 6.54
C VAL A 40 4.64 2.99 5.96
N PHE A 41 3.71 2.32 5.30
CA PHE A 41 3.92 0.97 4.82
C PHE A 41 3.38 0.83 3.39
N LEU A 42 4.21 0.33 2.50
CA LEU A 42 3.90 0.28 1.07
C LEU A 42 3.64 -1.15 0.60
N LEU A 43 2.49 -1.37 -0.04
CA LEU A 43 2.23 -2.66 -0.69
C LEU A 43 2.08 -2.42 -2.19
N THR A 44 3.04 -2.88 -2.96
CA THR A 44 3.00 -2.68 -4.39
C THR A 44 2.89 -3.99 -5.14
N ASP A 45 2.63 -3.90 -6.42
CA ASP A 45 2.53 -5.07 -7.27
C ASP A 45 3.68 -5.13 -8.26
N VAL A 46 4.81 -4.57 -7.86
CA VAL A 46 5.95 -4.39 -8.77
C VAL A 46 6.80 -5.65 -8.91
N LYS A 47 6.11 -6.79 -8.88
CA LYS A 47 6.69 -8.12 -9.11
C LYS A 47 7.96 -8.10 -9.95
N SER A 48 7.77 -7.76 -11.21
CA SER A 48 8.83 -7.78 -12.19
C SER A 48 9.10 -6.38 -12.69
N TYR A 49 8.59 -5.42 -11.93
CA TYR A 49 8.62 -4.03 -12.33
C TYR A 49 9.49 -3.23 -11.39
N LEU A 50 10.46 -2.52 -11.94
CA LEU A 50 11.28 -1.62 -11.17
C LEU A 50 11.53 -0.35 -11.96
N ILE A 51 11.29 0.76 -11.28
CA ILE A 51 11.42 2.09 -11.85
C ILE A 51 12.80 2.35 -12.42
N GLY A 52 13.83 1.93 -11.69
CA GLY A 52 15.17 2.12 -12.18
C GLY A 52 16.22 1.56 -11.25
N ASP A 53 16.06 1.79 -9.96
CA ASP A 53 17.03 1.31 -8.99
C ASP A 53 16.38 0.55 -7.85
N LYS A 54 15.68 -0.54 -8.17
CA LYS A 54 15.12 -1.43 -7.14
C LYS A 54 14.22 -0.70 -6.15
N TYR A 55 13.07 -0.26 -6.65
CA TYR A 55 12.00 0.39 -5.85
C TYR A 55 12.19 1.91 -5.81
N ASP A 56 13.43 2.33 -6.05
CA ASP A 56 13.78 3.74 -6.09
C ASP A 56 12.81 4.55 -6.96
N ASP A 57 12.30 5.65 -6.40
CA ASP A 57 11.44 6.64 -7.10
C ASP A 57 9.94 6.44 -6.89
N ALA A 58 9.52 5.41 -6.17
CA ALA A 58 8.08 5.27 -5.86
C ALA A 58 7.85 4.25 -4.79
N PHE A 59 8.58 3.20 -4.90
CA PHE A 59 8.38 2.04 -4.08
C PHE A 59 9.19 2.17 -2.80
N ASN A 60 8.95 3.33 -2.16
CA ASN A 60 9.78 3.96 -1.13
C ASN A 60 9.92 5.46 -1.38
N ALA A 61 9.25 5.94 -2.43
CA ALA A 61 9.02 7.37 -2.59
C ALA A 61 7.56 7.63 -2.25
N LEU A 62 6.74 6.63 -2.54
CA LEU A 62 5.36 6.56 -2.10
C LEU A 62 5.33 6.62 -0.56
N ILE A 63 6.42 6.12 0.03
CA ILE A 63 6.60 6.17 1.47
C ILE A 63 6.60 7.63 1.94
N ASP A 64 7.28 8.46 1.16
CA ASP A 64 7.37 9.90 1.40
C ASP A 64 6.04 10.56 1.13
N PHE A 65 5.43 10.14 0.03
CA PHE A 65 4.06 10.54 -0.29
C PHE A 65 3.18 10.45 0.96
N VAL A 66 2.95 9.24 1.46
CA VAL A 66 2.13 9.04 2.63
C VAL A 66 2.67 9.83 3.83
N LEU A 67 3.98 10.01 3.86
CA LEU A 67 4.66 10.64 4.97
C LEU A 67 4.44 12.15 5.02
N ARG A 68 4.19 12.75 3.86
CA ARG A 68 3.94 14.19 3.80
C ARG A 68 2.44 14.43 3.91
N ASN A 69 1.68 13.43 3.51
CA ASN A 69 0.25 13.44 3.63
C ASN A 69 -0.19 12.70 4.89
N ASP A 70 -1.47 12.38 4.93
CA ASP A 70 -2.03 11.56 5.99
C ASP A 70 -3.36 11.04 5.47
N ARG A 71 -3.94 10.05 6.13
CA ARG A 71 -5.24 9.55 5.73
C ARG A 71 -6.23 10.70 5.79
N ASP A 72 -7.12 10.79 4.79
CA ASP A 72 -8.13 11.86 4.72
C ASP A 72 -7.53 13.18 4.27
N ALA A 73 -6.36 13.48 4.80
CA ALA A 73 -5.65 14.72 4.47
C ALA A 73 -5.22 14.73 2.99
N VAL A 74 -5.43 13.62 2.31
CA VAL A 74 -5.11 13.49 0.90
C VAL A 74 -6.28 13.90 0.02
N GLU A 75 -5.98 14.29 -1.21
CA GLU A 75 -7.02 14.58 -2.19
C GLU A 75 -7.34 13.31 -2.96
N GLY A 76 -8.08 12.42 -2.33
CA GLY A 76 -8.35 11.14 -2.94
C GLY A 76 -9.82 10.80 -3.00
N THR A 77 -10.10 9.51 -3.12
CA THR A 77 -11.46 9.03 -3.22
C THR A 77 -11.64 7.84 -2.29
N GLU A 78 -12.41 8.04 -1.23
CA GLU A 78 -12.50 7.07 -0.17
C GLU A 78 -13.66 6.11 -0.34
N THR A 79 -13.38 4.84 -0.09
CA THR A 79 -14.40 3.80 -0.09
C THR A 79 -14.37 3.06 1.25
N ASP A 80 -15.53 2.65 1.75
CA ASP A 80 -15.61 1.92 3.01
C ASP A 80 -15.38 0.43 2.77
N VAL A 81 -14.24 -0.08 3.20
CA VAL A 81 -13.82 -1.44 2.89
C VAL A 81 -13.31 -2.18 4.11
N SER A 82 -12.98 -3.45 3.89
CA SER A 82 -12.49 -4.29 4.97
C SER A 82 -11.37 -5.23 4.47
N ILE A 83 -10.29 -5.37 5.24
CA ILE A 83 -9.16 -6.21 4.85
C ILE A 83 -8.87 -7.28 5.91
N ARG A 84 -8.55 -8.49 5.45
CA ARG A 84 -8.17 -9.57 6.33
C ARG A 84 -6.68 -9.49 6.63
N LEU A 85 -6.30 -9.65 7.89
CA LEU A 85 -4.92 -9.42 8.29
C LEU A 85 -4.07 -10.68 8.14
N GLY A 86 -3.88 -11.10 6.90
CA GLY A 86 -3.16 -12.35 6.65
C GLY A 86 -4.04 -13.53 6.97
N LEU A 87 -3.57 -14.43 7.83
CA LEU A 87 -4.47 -15.43 8.39
C LEU A 87 -3.95 -15.93 9.73
N SER A 88 -4.53 -15.39 10.78
CA SER A 88 -4.32 -15.89 12.13
C SER A 88 -5.67 -16.06 12.82
N PRO A 89 -5.74 -16.75 13.97
CA PRO A 89 -6.98 -16.82 14.74
C PRO A 89 -7.51 -15.43 15.11
N SER A 90 -6.61 -14.52 15.48
CA SER A 90 -7.00 -13.18 15.92
C SER A 90 -6.55 -12.10 14.93
N ASP A 91 -6.46 -12.45 13.66
CA ASP A 91 -6.17 -11.47 12.62
C ASP A 91 -7.44 -11.14 11.85
N MET A 92 -8.54 -11.07 12.60
CA MET A 92 -9.86 -10.81 12.03
C MET A 92 -9.85 -9.59 11.12
N VAL A 93 -10.58 -9.72 10.02
CA VAL A 93 -10.79 -8.64 9.07
C VAL A 93 -11.10 -7.32 9.77
N VAL A 94 -10.35 -6.31 9.40
CA VAL A 94 -10.49 -4.99 9.96
C VAL A 94 -11.26 -4.11 8.97
N LYS A 95 -11.94 -3.11 9.47
CA LYS A 95 -12.65 -2.19 8.60
C LYS A 95 -11.81 -0.95 8.40
N ARG A 96 -11.60 -0.64 7.15
CA ARG A 96 -10.64 0.36 6.74
C ARG A 96 -11.26 1.23 5.66
N GLN A 97 -10.69 2.39 5.44
CA GLN A 97 -11.14 3.25 4.38
C GLN A 97 -10.18 3.21 3.22
N ASP A 98 -10.68 2.87 2.06
CA ASP A 98 -9.84 2.78 0.87
C ASP A 98 -9.79 4.12 0.20
N LYS A 99 -8.72 4.85 0.45
CA LYS A 99 -8.57 6.15 -0.14
C LYS A 99 -7.83 6.03 -1.47
N THR A 100 -8.53 6.19 -2.55
CA THR A 100 -7.95 6.06 -3.88
C THR A 100 -7.33 7.39 -4.34
N PHE A 101 -6.10 7.34 -4.81
CA PHE A 101 -5.42 8.51 -5.34
C PHE A 101 -4.28 8.09 -6.24
N THR A 102 -3.56 9.05 -6.76
CA THR A 102 -2.45 8.76 -7.63
C THR A 102 -1.17 9.41 -7.14
N PHE A 103 -0.15 8.58 -7.03
CA PHE A 103 1.18 9.06 -6.74
C PHE A 103 1.98 9.05 -8.04
N THR A 104 2.26 10.22 -8.55
CA THR A 104 3.02 10.30 -9.79
C THR A 104 4.40 10.84 -9.50
N HIS A 105 5.36 9.93 -9.42
CA HIS A 105 6.75 10.30 -9.26
C HIS A 105 7.44 10.05 -10.59
N GLY A 106 8.43 10.86 -10.93
CA GLY A 106 8.85 10.98 -12.31
C GLY A 106 9.63 9.80 -12.85
N ASP A 107 8.89 8.95 -13.57
CA ASP A 107 9.39 7.77 -14.30
C ASP A 107 8.25 6.77 -14.38
N LEU A 108 7.37 6.86 -13.40
CA LEU A 108 6.34 5.86 -13.20
C LEU A 108 4.96 6.48 -13.04
N GLU A 109 3.93 5.67 -13.25
CA GLU A 109 2.56 6.06 -12.95
C GLU A 109 1.79 4.84 -12.47
N PHE A 110 1.07 4.98 -11.38
CA PHE A 110 0.32 3.87 -10.80
C PHE A 110 -0.77 4.37 -9.86
N GLU A 111 -1.86 3.62 -9.83
CA GLU A 111 -3.01 3.96 -9.01
C GLU A 111 -2.84 3.43 -7.60
N VAL A 112 -2.46 4.32 -6.69
CA VAL A 112 -2.15 3.94 -5.33
C VAL A 112 -3.34 4.15 -4.42
N HIS A 113 -3.37 3.36 -3.37
CA HIS A 113 -4.56 3.23 -2.58
C HIS A 113 -4.20 3.27 -1.10
N TRP A 114 -4.90 4.11 -0.34
CA TRP A 114 -4.67 4.17 1.09
C TRP A 114 -5.51 3.12 1.78
N ILE A 115 -4.80 2.19 2.38
CA ILE A 115 -5.38 1.02 2.98
C ILE A 115 -5.16 1.06 4.48
N ASN A 116 -5.70 2.09 5.10
CA ASN A 116 -5.50 2.33 6.52
C ASN A 116 -6.34 1.37 7.34
N LEU A 117 -5.69 0.35 7.89
CA LEU A 117 -6.38 -0.64 8.68
C LEU A 117 -6.96 -0.01 9.95
N MET A 1 -0.04 -3.45 -15.97
CA MET A 1 0.44 -2.19 -15.36
C MET A 1 0.67 -2.39 -13.87
N ILE A 2 1.39 -1.48 -13.26
CA ILE A 2 1.64 -1.54 -11.83
C ILE A 2 0.67 -0.64 -11.09
N LYS A 3 0.22 -1.13 -9.95
CA LYS A 3 -0.61 -0.37 -9.03
C LYS A 3 0.00 -0.49 -7.64
N ALA A 4 -0.51 0.25 -6.68
CA ALA A 4 -0.01 0.16 -5.33
C ALA A 4 -1.10 0.39 -4.29
N ALA A 5 -0.80 -0.03 -3.08
CA ALA A 5 -1.66 0.19 -1.94
C ALA A 5 -0.78 0.59 -0.76
N VAL A 6 -1.32 1.33 0.19
CA VAL A 6 -0.51 1.80 1.29
C VAL A 6 -1.32 1.92 2.57
N THR A 7 -0.65 1.83 3.70
CA THR A 7 -1.29 1.98 4.99
C THR A 7 -0.39 2.81 5.90
N LYS A 8 -0.96 3.86 6.48
CA LYS A 8 -0.19 4.76 7.33
C LYS A 8 -0.61 4.61 8.78
N GLU A 9 0.38 4.55 9.65
CA GLU A 9 0.16 4.45 11.08
C GLU A 9 -0.88 3.39 11.42
N SER A 10 -0.77 2.24 10.77
CA SER A 10 -1.69 1.13 11.03
C SER A 10 -1.55 0.65 12.46
N LEU A 11 -2.68 0.49 13.13
CA LEU A 11 -2.73 0.11 14.54
C LEU A 11 -2.25 -1.32 14.74
N TYR A 12 -2.11 -2.04 13.64
CA TYR A 12 -1.77 -3.44 13.69
C TYR A 12 -0.28 -3.68 13.72
N ARG A 13 0.51 -2.64 13.40
CA ARG A 13 1.96 -2.79 13.19
C ARG A 13 2.13 -3.55 11.88
N MET A 14 3.34 -3.62 11.29
CA MET A 14 3.50 -4.40 10.07
C MET A 14 2.95 -5.80 10.29
N ASN A 15 3.61 -6.60 11.12
CA ASN A 15 3.15 -7.96 11.45
C ASN A 15 2.66 -8.73 10.21
N THR A 16 3.19 -8.33 9.05
CA THR A 16 2.87 -8.89 7.76
C THR A 16 1.61 -8.25 7.20
N LEU A 17 1.57 -6.92 7.29
CA LEU A 17 0.52 -6.11 6.66
C LEU A 17 0.53 -6.36 5.16
N MET A 18 1.68 -6.83 4.68
CA MET A 18 1.83 -7.18 3.28
C MET A 18 0.85 -8.27 2.90
N GLU A 19 0.64 -9.22 3.80
CA GLU A 19 -0.24 -10.35 3.53
C GLU A 19 -1.70 -10.00 3.82
N ALA A 20 -1.90 -8.86 4.47
CA ALA A 20 -3.26 -8.33 4.68
C ALA A 20 -3.91 -8.08 3.34
N PHE A 21 -3.29 -7.24 2.54
CA PHE A 21 -3.77 -7.00 1.20
C PHE A 21 -3.31 -8.14 0.29
N GLN A 22 -2.06 -8.56 0.50
CA GLN A 22 -1.38 -9.54 -0.34
C GLN A 22 -1.75 -9.33 -1.81
N GLY A 23 -1.63 -8.09 -2.28
CA GLY A 23 -1.96 -7.81 -3.66
C GLY A 23 -3.44 -7.64 -3.89
N PHE A 24 -4.13 -7.05 -2.92
CA PHE A 24 -5.53 -6.69 -3.07
C PHE A 24 -5.65 -5.59 -4.13
N LEU A 25 -5.40 -6.00 -5.37
CA LEU A 25 -5.19 -5.10 -6.49
C LEU A 25 -4.70 -5.90 -7.69
N GLY A 26 -4.07 -7.05 -7.42
CA GLY A 26 -3.74 -7.98 -8.48
C GLY A 26 -2.44 -8.74 -8.31
N LEU A 27 -2.22 -9.39 -7.17
CA LEU A 27 -1.10 -10.29 -6.99
C LEU A 27 -1.54 -11.58 -6.29
N ASP A 28 -1.02 -12.71 -6.77
CA ASP A 28 -1.40 -14.03 -6.25
C ASP A 28 -0.44 -14.51 -5.19
N LEU A 29 0.83 -14.57 -5.57
CA LEU A 29 1.90 -14.94 -4.65
C LEU A 29 3.26 -14.64 -5.28
N GLY A 30 4.16 -14.05 -4.50
CA GLY A 30 5.47 -13.68 -5.01
C GLY A 30 5.45 -12.43 -5.85
N GLU A 31 4.35 -12.28 -6.58
CA GLU A 31 4.08 -11.09 -7.36
C GLU A 31 4.13 -9.82 -6.52
N PHE A 32 3.99 -9.96 -5.22
CA PHE A 32 3.82 -8.80 -4.37
C PHE A 32 5.11 -8.37 -3.69
N THR A 33 5.24 -7.06 -3.58
CA THR A 33 6.35 -6.40 -2.95
C THR A 33 5.81 -5.41 -1.92
N PHE A 34 6.50 -5.23 -0.81
CA PHE A 34 5.98 -4.39 0.26
C PHE A 34 7.10 -3.85 1.11
N LYS A 35 7.01 -2.57 1.39
CA LYS A 35 7.98 -1.87 2.18
C LYS A 35 7.36 -1.41 3.48
N VAL A 36 7.83 -1.95 4.58
CA VAL A 36 7.32 -1.54 5.87
C VAL A 36 8.22 -0.51 6.51
N LYS A 37 7.65 0.64 6.80
CA LYS A 37 8.35 1.70 7.48
C LYS A 37 7.49 2.22 8.63
N PRO A 38 8.10 2.80 9.67
CA PRO A 38 7.36 3.32 10.81
C PRO A 38 6.33 4.34 10.37
N GLY A 39 5.07 4.06 10.63
CA GLY A 39 4.01 4.98 10.31
C GLY A 39 3.62 4.96 8.83
N VAL A 40 4.36 4.24 8.01
CA VAL A 40 4.05 4.20 6.58
C VAL A 40 4.45 2.87 5.96
N PHE A 41 3.48 2.19 5.40
CA PHE A 41 3.69 0.85 4.89
C PHE A 41 3.21 0.76 3.46
N LEU A 42 4.10 0.33 2.59
CA LEU A 42 3.86 0.30 1.16
C LEU A 42 3.61 -1.12 0.67
N LEU A 43 2.42 -1.39 0.17
CA LEU A 43 2.16 -2.69 -0.47
C LEU A 43 2.01 -2.46 -1.96
N THR A 44 2.96 -2.94 -2.71
CA THR A 44 2.93 -2.73 -4.14
C THR A 44 2.74 -4.04 -4.87
N ASP A 45 2.74 -3.95 -6.18
CA ASP A 45 2.43 -5.08 -7.02
C ASP A 45 3.54 -5.30 -8.03
N VAL A 46 4.61 -4.53 -7.85
CA VAL A 46 5.79 -4.63 -8.68
C VAL A 46 6.41 -6.02 -8.50
N LYS A 47 6.70 -6.67 -9.61
CA LYS A 47 7.34 -7.95 -9.56
C LYS A 47 8.61 -7.92 -10.37
N SER A 48 8.43 -7.99 -11.68
CA SER A 48 9.53 -7.92 -12.60
C SER A 48 9.63 -6.50 -13.15
N TYR A 49 9.01 -5.60 -12.41
CA TYR A 49 8.91 -4.20 -12.81
C TYR A 49 9.73 -3.33 -11.87
N LEU A 50 10.75 -2.69 -12.40
CA LEU A 50 11.50 -1.71 -11.64
C LEU A 50 11.50 -0.39 -12.39
N ILE A 51 11.14 0.66 -11.69
CA ILE A 51 11.15 2.02 -12.24
C ILE A 51 12.48 2.31 -12.95
N GLY A 52 13.52 2.56 -12.15
CA GLY A 52 14.82 2.83 -12.72
C GLY A 52 15.93 2.17 -11.93
N ASP A 53 15.86 2.26 -10.61
CA ASP A 53 16.89 1.66 -9.76
C ASP A 53 16.30 0.78 -8.66
N LYS A 54 15.51 -0.22 -9.06
CA LYS A 54 14.97 -1.22 -8.12
C LYS A 54 14.20 -0.58 -6.97
N TYR A 55 13.00 -0.05 -7.29
CA TYR A 55 12.04 0.50 -6.31
C TYR A 55 12.17 2.00 -6.19
N ASP A 56 13.39 2.49 -6.40
CA ASP A 56 13.67 3.92 -6.38
C ASP A 56 12.63 4.71 -7.18
N ASP A 57 12.11 5.78 -6.57
CA ASP A 57 11.19 6.73 -7.21
C ASP A 57 9.71 6.38 -7.06
N ALA A 58 9.37 5.29 -6.38
CA ALA A 58 7.96 5.04 -6.03
C ALA A 58 7.84 4.03 -4.91
N PHE A 59 8.59 2.99 -5.05
CA PHE A 59 8.45 1.81 -4.24
C PHE A 59 9.28 1.94 -2.96
N ASN A 60 9.03 3.06 -2.26
CA ASN A 60 9.85 3.65 -1.18
C ASN A 60 9.99 5.15 -1.42
N ALA A 61 9.32 5.63 -2.48
CA ALA A 61 9.09 7.07 -2.66
C ALA A 61 7.67 7.36 -2.23
N LEU A 62 6.84 6.34 -2.43
CA LEU A 62 5.47 6.32 -1.96
C LEU A 62 5.46 6.58 -0.45
N ILE A 63 6.49 6.07 0.21
CA ILE A 63 6.68 6.26 1.63
C ILE A 63 6.71 7.76 1.96
N ASP A 64 7.44 8.48 1.14
CA ASP A 64 7.60 9.92 1.28
C ASP A 64 6.33 10.63 0.89
N PHE A 65 5.70 10.12 -0.14
CA PHE A 65 4.34 10.53 -0.50
C PHE A 65 3.45 10.54 0.74
N VAL A 66 3.30 9.38 1.36
CA VAL A 66 2.49 9.26 2.56
C VAL A 66 3.01 10.20 3.65
N LEU A 67 4.32 10.36 3.72
CA LEU A 67 4.95 11.20 4.72
C LEU A 67 4.70 12.70 4.50
N ARG A 68 4.37 13.11 3.28
CA ARG A 68 4.12 14.52 3.04
C ARG A 68 2.64 14.80 3.28
N ASN A 69 1.84 13.75 3.15
CA ASN A 69 0.44 13.80 3.44
C ASN A 69 0.16 13.15 4.80
N ASP A 70 -1.10 12.80 4.99
CA ASP A 70 -1.50 11.95 6.10
C ASP A 70 -2.81 11.31 5.69
N ARG A 71 -3.26 10.32 6.42
CA ARG A 71 -4.51 9.65 6.09
C ARG A 71 -5.67 10.64 6.24
N ASP A 72 -6.58 10.67 5.27
CA ASP A 72 -7.74 11.60 5.27
C ASP A 72 -7.33 13.01 4.89
N ALA A 73 -6.09 13.33 5.19
CA ALA A 73 -5.54 14.65 4.89
C ALA A 73 -5.04 14.70 3.45
N VAL A 74 -5.59 13.81 2.63
CA VAL A 74 -5.20 13.69 1.23
C VAL A 74 -6.32 14.07 0.27
N GLU A 75 -5.92 14.43 -0.94
CA GLU A 75 -6.86 14.71 -2.01
C GLU A 75 -7.20 13.43 -2.76
N GLY A 76 -7.98 12.57 -2.12
CA GLY A 76 -8.36 11.32 -2.72
C GLY A 76 -9.84 11.08 -2.66
N THR A 77 -10.22 9.82 -2.69
CA THR A 77 -11.62 9.44 -2.66
C THR A 77 -11.82 8.23 -1.76
N GLU A 78 -12.61 8.39 -0.72
CA GLU A 78 -12.67 7.40 0.34
C GLU A 78 -13.86 6.45 0.22
N THR A 79 -13.59 5.17 0.48
CA THR A 79 -14.61 4.14 0.51
C THR A 79 -14.40 3.22 1.72
N ASP A 80 -15.47 2.85 2.41
CA ASP A 80 -15.38 1.93 3.54
C ASP A 80 -15.11 0.51 3.07
N VAL A 81 -13.90 0.03 3.33
CA VAL A 81 -13.49 -1.29 2.90
C VAL A 81 -13.02 -2.14 4.07
N SER A 82 -12.78 -3.41 3.80
CA SER A 82 -12.35 -4.33 4.83
C SER A 82 -11.29 -5.30 4.29
N ILE A 83 -10.25 -5.56 5.07
CA ILE A 83 -9.20 -6.50 4.66
C ILE A 83 -8.97 -7.56 5.73
N ARG A 84 -8.63 -8.76 5.29
CA ARG A 84 -8.21 -9.83 6.17
C ARG A 84 -6.75 -9.66 6.50
N LEU A 85 -6.44 -9.67 7.78
CA LEU A 85 -5.08 -9.46 8.23
C LEU A 85 -4.23 -10.70 7.99
N GLY A 86 -3.08 -10.52 7.36
CA GLY A 86 -2.13 -11.61 7.18
C GLY A 86 -1.46 -11.96 8.48
N LEU A 87 -2.22 -12.62 9.31
CA LEU A 87 -1.86 -12.82 10.70
C LEU A 87 -2.33 -14.19 11.17
N SER A 88 -2.04 -14.50 12.43
CA SER A 88 -2.38 -15.77 13.07
C SER A 88 -3.91 -15.97 13.08
N PRO A 89 -4.45 -17.11 13.58
CA PRO A 89 -5.90 -17.39 13.57
C PRO A 89 -6.79 -16.21 13.99
N SER A 90 -6.25 -15.30 14.80
CA SER A 90 -6.98 -14.10 15.22
C SER A 90 -6.79 -12.95 14.21
N ASP A 91 -6.59 -13.32 12.95
CA ASP A 91 -6.28 -12.39 11.86
C ASP A 91 -7.53 -11.70 11.31
N MET A 92 -8.45 -11.37 12.22
CA MET A 92 -9.77 -10.88 11.86
C MET A 92 -9.71 -9.65 10.97
N VAL A 93 -10.58 -9.64 9.96
CA VAL A 93 -10.72 -8.51 9.04
C VAL A 93 -10.96 -7.20 9.79
N VAL A 94 -10.35 -6.14 9.30
CA VAL A 94 -10.46 -4.84 9.93
C VAL A 94 -11.21 -3.88 9.01
N LYS A 95 -11.81 -2.86 9.59
CA LYS A 95 -12.41 -1.81 8.82
C LYS A 95 -11.37 -0.77 8.46
N ARG A 96 -11.25 -0.55 7.18
CA ARG A 96 -10.26 0.35 6.62
C ARG A 96 -10.94 1.28 5.65
N GLN A 97 -10.35 2.42 5.44
CA GLN A 97 -10.86 3.35 4.47
C GLN A 97 -10.03 3.27 3.22
N ASP A 98 -10.68 3.16 2.08
CA ASP A 98 -9.99 3.15 0.82
C ASP A 98 -9.93 4.55 0.27
N LYS A 99 -8.79 5.20 0.41
CA LYS A 99 -8.65 6.54 -0.11
C LYS A 99 -8.00 6.47 -1.48
N THR A 100 -8.78 6.61 -2.54
CA THR A 100 -8.25 6.45 -3.89
C THR A 100 -7.63 7.74 -4.43
N PHE A 101 -6.44 7.60 -5.01
CA PHE A 101 -5.70 8.70 -5.62
C PHE A 101 -4.59 8.14 -6.48
N THR A 102 -3.79 9.01 -7.04
CA THR A 102 -2.64 8.58 -7.81
C THR A 102 -1.37 9.21 -7.28
N PHE A 103 -0.37 8.39 -7.03
CA PHE A 103 0.95 8.89 -6.72
C PHE A 103 1.77 8.92 -7.99
N THR A 104 2.00 10.09 -8.52
CA THR A 104 2.74 10.21 -9.74
C THR A 104 4.14 10.73 -9.45
N HIS A 105 5.11 9.84 -9.41
CA HIS A 105 6.48 10.25 -9.23
C HIS A 105 7.17 10.11 -10.58
N GLY A 106 8.05 11.03 -10.91
CA GLY A 106 8.43 11.22 -12.30
C GLY A 106 9.31 10.13 -12.85
N ASP A 107 8.67 9.21 -13.56
CA ASP A 107 9.29 8.11 -14.30
C ASP A 107 8.26 7.00 -14.43
N LEU A 108 7.31 7.01 -13.50
CA LEU A 108 6.37 5.91 -13.35
C LEU A 108 4.95 6.43 -13.09
N GLU A 109 3.96 5.57 -13.32
CA GLU A 109 2.57 5.88 -12.99
C GLU A 109 1.84 4.62 -12.57
N PHE A 110 1.11 4.70 -11.47
CA PHE A 110 0.43 3.54 -10.92
C PHE A 110 -0.72 3.96 -10.01
N GLU A 111 -1.75 3.12 -9.95
CA GLU A 111 -2.95 3.43 -9.17
C GLU A 111 -2.73 3.07 -7.71
N VAL A 112 -2.60 4.09 -6.89
CA VAL A 112 -2.30 3.90 -5.48
C VAL A 112 -3.48 4.22 -4.61
N HIS A 113 -3.56 3.49 -3.55
CA HIS A 113 -4.71 3.51 -2.70
C HIS A 113 -4.29 3.60 -1.24
N TRP A 114 -4.93 4.46 -0.47
CA TRP A 114 -4.69 4.46 0.97
C TRP A 114 -5.58 3.43 1.59
N ILE A 115 -4.99 2.31 1.89
CA ILE A 115 -5.67 1.17 2.44
C ILE A 115 -5.36 1.07 3.93
N ASN A 116 -5.87 2.03 4.66
CA ASN A 116 -5.49 2.23 6.05
C ASN A 116 -6.16 1.22 6.96
N LEU A 117 -5.41 0.18 7.32
CA LEU A 117 -5.88 -0.84 8.24
C LEU A 117 -5.90 -0.28 9.67
#